data_2CBU
#
_entry.id   2CBU
#
_cell.length_a   94.076
_cell.length_b   94.521
_cell.length_c   113.280
_cell.angle_alpha   90.00
_cell.angle_beta   90.00
_cell.angle_gamma   90.00
#
_symmetry.space_group_name_H-M   'P 21 21 21'
#
loop_
_entity.id
_entity.type
_entity.pdbx_description
1 polymer 'BETA-GLUCOSIDASE A'
2 non-polymer CASTANOSPERMINE
3 non-polymer 'ACETATE ION'
4 non-polymer 'CALCIUM ION'
5 water water
#
_entity_poly.entity_id   1
_entity_poly.type   'polypeptide(L)'
_entity_poly.pdbx_seq_one_letter_code
;MGSSHHHHHHSSGLVPRGSHMASNVKKFPEGFLWGVATASYQIEGSPLADGAGMSIWHTFSHTPGNVKNGDTGDVACDHY
NRWKEDIEIIEKLGVKAYRFSISWPRILPEGTGRVNQKGLDFYNRIIDTLLEKGITPFVTIYHWDLPFALQLKGGWANRE
IADWFAEYSRVLFENFGDRVKNWITLNEPWVVAIVGHLYGVHAPGMRDIYVAFRAVHNLLRAHARAVKVFRETVKDGKIG
IVFNNGYFEPASEKEEDIRAVRFMHQFNNYPLFLNPIYRGDYPELVLEFAREYLPENYKDDMSEIQEKIDFVGLNYYSGH
LVKFDPDAPAKVSFVERDLPKTAMGWEIVPEGIYWILKKVKEEYNPPEVYITENGAAFDDVVSEDGRVHDQNRIDYLKAH
IGQAWKAIQEGVPLKGYFVWSLLDNFEWAEGYSKRFGIVYVDYSTQKRIVKDSGYWYSNVVKNNGLED
;
_entity_poly.pdbx_strand_id   A,B
#
loop_
_chem_comp.id
_chem_comp.type
_chem_comp.name
_chem_comp.formula
ACT non-polymer 'ACETATE ION' 'C2 H3 O2 -1'
CA non-polymer 'CALCIUM ION' 'Ca 2'
CTS non-polymer CASTANOSPERMINE 'C8 H15 N O4'
#
# COMPACT_ATOMS: atom_id res chain seq x y z
N VAL A 25 -39.70 7.82 10.85
CA VAL A 25 -39.39 6.57 10.11
C VAL A 25 -39.34 6.81 8.59
N LYS A 26 -38.57 5.99 7.89
CA LYS A 26 -38.52 6.05 6.43
C LYS A 26 -39.03 4.75 5.85
N LYS A 27 -40.32 4.72 5.52
CA LYS A 27 -40.94 3.50 5.01
C LYS A 27 -40.93 3.50 3.48
N PHE A 28 -40.58 2.36 2.91
CA PHE A 28 -40.54 2.19 1.45
C PHE A 28 -41.91 1.80 0.87
N PRO A 29 -42.10 1.92 -0.47
CA PRO A 29 -43.38 1.52 -1.09
C PRO A 29 -43.78 0.08 -0.79
N GLU A 30 -45.08 -0.20 -0.78
CA GLU A 30 -45.55 -1.58 -0.65
C GLU A 30 -44.95 -2.43 -1.76
N GLY A 31 -44.42 -3.60 -1.38
CA GLY A 31 -43.86 -4.54 -2.35
C GLY A 31 -42.46 -4.24 -2.85
N PHE A 32 -41.83 -3.18 -2.31
CA PHE A 32 -40.43 -2.83 -2.61
C PHE A 32 -39.55 -4.07 -2.35
N LEU A 33 -38.63 -4.34 -3.28
CA LEU A 33 -37.87 -5.58 -3.26
C LEU A 33 -36.50 -5.39 -2.59
N TRP A 34 -36.39 -5.81 -1.34
CA TRP A 34 -35.12 -5.81 -0.62
C TRP A 34 -34.37 -7.08 -0.98
N GLY A 35 -33.12 -6.91 -1.40
CA GLY A 35 -32.37 -8.06 -1.90
C GLY A 35 -30.92 -8.10 -1.40
N VAL A 36 -30.25 -9.22 -1.74
CA VAL A 36 -28.81 -9.32 -1.61
C VAL A 36 -28.31 -9.85 -2.96
N ALA A 37 -27.03 -9.61 -3.22
CA ALA A 37 -26.44 -10.01 -4.51
C ALA A 37 -25.12 -10.78 -4.36
N THR A 38 -24.89 -11.71 -5.29
CA THR A 38 -23.60 -12.42 -5.44
C THR A 38 -23.33 -12.59 -6.94
N ALA A 39 -22.18 -13.19 -7.28
CA ALA A 39 -21.86 -13.59 -8.68
C ALA A 39 -21.18 -14.95 -8.62
N SER A 40 -21.38 -15.76 -9.66
CA SER A 40 -20.98 -17.14 -9.76
C SER A 40 -19.52 -17.41 -9.43
N TYR A 41 -18.60 -16.72 -10.12
CA TYR A 41 -17.17 -17.01 -9.93
C TYR A 41 -16.72 -16.58 -8.52
N GLN A 42 -17.38 -15.57 -7.96
CA GLN A 42 -16.90 -15.05 -6.69
C GLN A 42 -17.25 -15.97 -5.52
N ILE A 43 -18.33 -16.73 -5.65
CA ILE A 43 -18.81 -17.56 -4.51
C ILE A 43 -18.79 -19.06 -4.72
N GLU A 44 -18.91 -19.55 -5.97
CA GLU A 44 -19.19 -20.97 -6.18
C GLU A 44 -18.06 -21.96 -5.88
N GLY A 45 -16.83 -21.61 -6.27
CA GLY A 45 -15.77 -22.62 -6.39
C GLY A 45 -16.16 -23.72 -7.37
N SER A 46 -15.38 -24.81 -7.36
CA SER A 46 -15.59 -25.95 -8.23
C SER A 46 -15.77 -25.53 -9.69
N PRO A 47 -14.85 -24.69 -10.22
CA PRO A 47 -15.09 -24.08 -11.55
C PRO A 47 -15.10 -25.14 -12.66
N LEU A 48 -14.44 -26.29 -12.44
CA LEU A 48 -14.44 -27.31 -13.50
C LEU A 48 -15.26 -28.56 -13.16
N ALA A 49 -16.07 -28.46 -12.11
CA ALA A 49 -16.96 -29.57 -11.72
C ALA A 49 -18.05 -29.85 -12.75
N ASP A 50 -18.42 -31.13 -12.81
CA ASP A 50 -19.58 -31.59 -13.61
C ASP A 50 -19.59 -31.09 -15.06
N GLY A 51 -18.45 -31.17 -15.73
CA GLY A 51 -18.41 -30.89 -17.18
C GLY A 51 -18.31 -29.41 -17.56
N ALA A 52 -18.21 -28.54 -16.56
CA ALA A 52 -18.02 -27.09 -16.86
C ALA A 52 -16.77 -26.82 -17.69
N GLY A 53 -16.85 -25.86 -18.62
CA GLY A 53 -15.62 -25.43 -19.32
C GLY A 53 -14.88 -24.37 -18.50
N MET A 54 -13.60 -24.13 -18.81
CA MET A 54 -12.87 -23.04 -18.15
C MET A 54 -13.48 -21.70 -18.50
N SER A 55 -13.47 -20.75 -17.55
CA SER A 55 -13.76 -19.36 -17.88
C SER A 55 -12.47 -18.56 -17.97
N ILE A 56 -12.57 -17.32 -18.46
CA ILE A 56 -11.42 -16.41 -18.50
C ILE A 56 -10.96 -16.01 -17.11
N TRP A 57 -11.85 -16.10 -16.10
CA TRP A 57 -11.40 -15.85 -14.73
C TRP A 57 -10.62 -17.00 -14.12
N HIS A 58 -10.94 -18.22 -14.52
CA HIS A 58 -10.11 -19.36 -14.13
C HIS A 58 -8.68 -19.17 -14.68
N THR A 59 -8.57 -18.94 -15.98
CA THR A 59 -7.22 -18.85 -16.63
C THR A 59 -6.48 -17.57 -16.20
N PHE A 60 -7.19 -16.45 -16.06
CA PHE A 60 -6.60 -15.19 -15.54
C PHE A 60 -6.07 -15.33 -14.09
N SER A 61 -6.87 -15.90 -13.21
CA SER A 61 -6.42 -16.05 -11.80
C SER A 61 -5.33 -17.12 -11.64
N HIS A 62 -5.30 -18.09 -12.54
CA HIS A 62 -4.21 -19.09 -12.49
C HIS A 62 -2.94 -18.64 -13.18
N THR A 63 -2.95 -17.40 -13.65
CA THR A 63 -1.74 -16.77 -14.21
C THR A 63 -1.06 -15.99 -13.11
N PRO A 64 0.19 -16.35 -12.72
CA PRO A 64 0.86 -15.62 -11.63
C PRO A 64 0.97 -14.12 -11.88
N GLY A 65 0.75 -13.34 -10.83
CA GLY A 65 0.91 -11.91 -10.91
C GLY A 65 -0.40 -11.18 -11.09
N ASN A 66 -1.46 -11.88 -11.50
CA ASN A 66 -2.71 -11.21 -11.80
C ASN A 66 -3.63 -10.88 -10.62
N VAL A 67 -3.56 -11.72 -9.58
CA VAL A 67 -4.45 -11.62 -8.43
C VAL A 67 -3.66 -11.62 -7.12
N LYS A 68 -4.02 -10.70 -6.24
CA LYS A 68 -3.37 -10.57 -4.93
C LYS A 68 -3.21 -11.94 -4.25
N ASN A 69 -2.02 -12.18 -3.70
CA ASN A 69 -1.75 -13.44 -2.96
C ASN A 69 -1.89 -14.72 -3.77
N GLY A 70 -2.04 -14.60 -5.08
CA GLY A 70 -2.18 -15.79 -5.92
C GLY A 70 -3.56 -16.44 -5.71
N ASP A 71 -4.50 -15.65 -5.22
CA ASP A 71 -5.84 -16.21 -4.93
C ASP A 71 -6.57 -16.55 -6.23
N THR A 72 -7.46 -17.56 -6.18
CA THR A 72 -8.26 -17.96 -7.33
C THR A 72 -9.70 -18.26 -6.89
N GLY A 73 -10.57 -18.50 -7.86
CA GLY A 73 -11.94 -18.94 -7.54
C GLY A 73 -12.10 -20.45 -7.44
N ASP A 74 -10.99 -21.18 -7.24
CA ASP A 74 -11.09 -22.65 -7.15
C ASP A 74 -12.04 -23.18 -6.07
N VAL A 75 -12.00 -22.53 -4.91
CA VAL A 75 -12.87 -22.95 -3.80
C VAL A 75 -13.87 -21.83 -3.44
N ALA A 76 -13.38 -20.60 -3.28
CA ALA A 76 -14.21 -19.42 -2.97
C ALA A 76 -15.03 -19.72 -1.70
N CYS A 77 -16.35 -19.53 -1.74
CA CYS A 77 -17.21 -19.86 -0.58
C CYS A 77 -17.81 -21.28 -0.66
N ASP A 78 -17.32 -22.08 -1.61
CA ASP A 78 -17.85 -23.43 -1.84
C ASP A 78 -19.39 -23.44 -2.00
N HIS A 79 -19.93 -22.38 -2.58
CA HIS A 79 -21.37 -22.30 -2.75
C HIS A 79 -21.87 -23.41 -3.69
N TYR A 80 -20.97 -23.94 -4.53
CA TYR A 80 -21.36 -25.02 -5.43
C TYR A 80 -21.89 -26.19 -4.60
N ASN A 81 -21.35 -26.36 -3.40
CA ASN A 81 -21.82 -27.40 -2.46
C ASN A 81 -22.76 -26.90 -1.37
N ARG A 82 -22.61 -25.65 -0.98
CA ARG A 82 -23.28 -25.09 0.19
C ARG A 82 -24.47 -24.18 -0.14
N TRP A 83 -24.91 -24.24 -1.40
CA TRP A 83 -25.98 -23.38 -1.89
C TRP A 83 -27.26 -23.43 -1.04
N LYS A 84 -27.67 -24.63 -0.61
CA LYS A 84 -28.93 -24.77 0.16
C LYS A 84 -28.82 -24.01 1.49
N GLU A 85 -27.72 -24.23 2.20
CA GLU A 85 -27.40 -23.47 3.41
C GLU A 85 -27.45 -21.95 3.20
N ASP A 86 -26.78 -21.47 2.16
CA ASP A 86 -26.75 -20.03 1.86
C ASP A 86 -28.13 -19.46 1.58
N ILE A 87 -28.94 -20.19 0.81
CA ILE A 87 -30.31 -19.75 0.56
C ILE A 87 -31.13 -19.76 1.89
N GLU A 88 -30.96 -20.81 2.69
CA GLU A 88 -31.53 -20.85 4.06
C GLU A 88 -31.19 -19.61 4.89
N ILE A 89 -29.95 -19.10 4.76
CA ILE A 89 -29.60 -17.81 5.36
C ILE A 89 -30.40 -16.64 4.82
N ILE A 90 -30.54 -16.55 3.49
CA ILE A 90 -31.36 -15.50 2.89
C ILE A 90 -32.79 -15.55 3.45
N GLU A 91 -33.34 -16.76 3.47
CA GLU A 91 -34.70 -17.01 4.01
C GLU A 91 -34.81 -16.58 5.48
N LYS A 92 -33.84 -17.01 6.31
CA LYS A 92 -33.86 -16.71 7.76
CA LYS A 92 -33.91 -16.71 7.75
C LYS A 92 -33.79 -15.20 8.01
N LEU A 93 -33.02 -14.50 7.17
CA LEU A 93 -32.94 -13.04 7.24
C LEU A 93 -34.19 -12.34 6.72
N GLY A 94 -35.05 -13.10 6.04
CA GLY A 94 -36.31 -12.53 5.53
C GLY A 94 -36.10 -11.68 4.29
N VAL A 95 -34.92 -11.81 3.68
CA VAL A 95 -34.58 -11.04 2.46
C VAL A 95 -35.49 -11.53 1.32
N LYS A 96 -35.98 -10.60 0.53
CA LYS A 96 -37.06 -10.90 -0.41
C LYS A 96 -36.67 -11.24 -1.84
N ALA A 97 -35.44 -10.90 -2.21
CA ALA A 97 -34.94 -11.08 -3.57
C ALA A 97 -33.48 -11.50 -3.48
N TYR A 98 -33.04 -12.36 -4.40
CA TYR A 98 -31.65 -12.74 -4.48
C TYR A 98 -31.17 -12.53 -5.92
N ARG A 99 -30.20 -11.64 -6.08
CA ARG A 99 -29.56 -11.43 -7.37
C ARG A 99 -28.34 -12.34 -7.40
N PHE A 100 -28.32 -13.26 -8.36
CA PHE A 100 -27.17 -14.13 -8.55
C PHE A 100 -26.85 -14.24 -10.02
N SER A 101 -25.65 -14.70 -10.35
CA SER A 101 -25.34 -14.87 -11.79
C SER A 101 -25.13 -16.32 -12.15
N ILE A 102 -25.30 -16.60 -13.45
CA ILE A 102 -25.07 -17.91 -14.01
C ILE A 102 -23.70 -17.92 -14.71
N SER A 103 -22.90 -18.93 -14.38
CA SER A 103 -21.66 -19.21 -15.12
C SER A 103 -21.93 -19.75 -16.55
N TRP A 104 -21.66 -18.90 -17.56
CA TRP A 104 -21.82 -19.29 -18.95
C TRP A 104 -21.12 -20.63 -19.26
N PRO A 105 -19.83 -20.80 -18.88
CA PRO A 105 -19.20 -22.07 -19.24
C PRO A 105 -19.69 -23.29 -18.47
N ARG A 106 -20.47 -23.11 -17.39
CA ARG A 106 -21.13 -24.28 -16.80
C ARG A 106 -22.30 -24.75 -17.70
N ILE A 107 -22.89 -23.83 -18.44
CA ILE A 107 -24.07 -24.11 -19.23
C ILE A 107 -23.67 -24.54 -20.63
N LEU A 108 -22.75 -23.78 -21.25
CA LEU A 108 -22.22 -24.14 -22.56
C LEU A 108 -20.70 -24.15 -22.43
N PRO A 109 -20.11 -25.32 -22.17
CA PRO A 109 -18.69 -25.44 -21.86
C PRO A 109 -17.74 -24.87 -22.93
N GLU A 110 -18.15 -24.91 -24.19
CA GLU A 110 -17.40 -24.30 -25.31
C GLU A 110 -17.97 -22.95 -25.73
N GLY A 111 -18.92 -22.44 -24.93
CA GLY A 111 -19.48 -21.11 -25.16
C GLY A 111 -20.69 -21.14 -26.07
N THR A 112 -20.60 -21.90 -27.17
CA THR A 112 -21.77 -22.15 -28.04
C THR A 112 -21.89 -23.64 -28.33
N GLY A 113 -23.02 -24.07 -28.88
CA GLY A 113 -23.15 -25.50 -29.23
C GLY A 113 -23.64 -26.29 -28.04
N ARG A 114 -22.77 -27.13 -27.50
CA ARG A 114 -23.18 -28.12 -26.52
C ARG A 114 -23.71 -27.48 -25.23
N VAL A 115 -24.86 -27.95 -24.79
CA VAL A 115 -25.44 -27.57 -23.48
C VAL A 115 -25.22 -28.68 -22.44
N ASN A 116 -24.72 -28.25 -21.28
CA ASN A 116 -24.38 -29.12 -20.14
C ASN A 116 -25.54 -29.22 -19.14
N GLN A 117 -26.25 -30.35 -19.14
CA GLN A 117 -27.42 -30.54 -18.28
C GLN A 117 -27.08 -30.41 -16.80
N LYS A 118 -25.88 -30.84 -16.39
CA LYS A 118 -25.51 -30.74 -14.98
C LYS A 118 -25.37 -29.26 -14.56
N GLY A 119 -25.02 -28.40 -15.52
CA GLY A 119 -24.92 -26.98 -15.27
C GLY A 119 -26.30 -26.40 -15.07
N LEU A 120 -27.21 -26.75 -15.97
CA LEU A 120 -28.62 -26.35 -15.82
C LEU A 120 -29.22 -26.84 -14.50
N ASP A 121 -28.94 -28.13 -14.16
CA ASP A 121 -29.41 -28.77 -12.91
C ASP A 121 -29.00 -27.93 -11.68
N PHE A 122 -27.74 -27.49 -11.63
CA PHE A 122 -27.23 -26.67 -10.51
C PHE A 122 -28.10 -25.42 -10.26
N TYR A 123 -28.30 -24.62 -11.31
CA TYR A 123 -29.16 -23.45 -11.22
C TYR A 123 -30.66 -23.76 -11.09
N ASN A 124 -31.12 -24.84 -11.72
CA ASN A 124 -32.52 -25.25 -11.50
C ASN A 124 -32.87 -25.47 -10.01
N ARG A 125 -31.98 -26.14 -9.30
CA ARG A 125 -32.15 -26.37 -7.85
C ARG A 125 -32.19 -25.08 -7.02
N ILE A 126 -31.32 -24.13 -7.38
CA ILE A 126 -31.29 -22.83 -6.72
C ILE A 126 -32.61 -22.09 -7.00
N ILE A 127 -33.01 -22.07 -8.25
CA ILE A 127 -34.25 -21.36 -8.65
C ILE A 127 -35.46 -21.95 -7.90
N ASP A 128 -35.57 -23.27 -7.91
CA ASP A 128 -36.76 -23.95 -7.35
C ASP A 128 -36.83 -23.71 -5.85
N THR A 129 -35.66 -23.76 -5.22
CA THR A 129 -35.51 -23.51 -3.79
C THR A 129 -35.92 -22.09 -3.40
N LEU A 130 -35.43 -21.09 -4.13
CA LEU A 130 -35.81 -19.70 -3.87
C LEU A 130 -37.34 -19.53 -3.97
N LEU A 131 -37.91 -20.05 -5.06
CA LEU A 131 -39.35 -19.95 -5.30
C LEU A 131 -40.14 -20.62 -4.18
N GLU A 132 -39.75 -21.84 -3.82
CA GLU A 132 -40.36 -22.57 -2.70
CA GLU A 132 -40.38 -22.56 -2.70
C GLU A 132 -40.35 -21.72 -1.43
N LYS A 133 -39.28 -20.94 -1.25
CA LYS A 133 -39.11 -20.13 -0.04
C LYS A 133 -39.62 -18.71 -0.18
N GLY A 134 -40.26 -18.41 -1.28
CA GLY A 134 -40.85 -17.08 -1.51
C GLY A 134 -39.83 -15.97 -1.73
N ILE A 135 -38.65 -16.32 -2.26
CA ILE A 135 -37.59 -15.34 -2.57
C ILE A 135 -37.54 -15.14 -4.09
N THR A 136 -37.50 -13.88 -4.53
CA THR A 136 -37.58 -13.55 -5.96
C THR A 136 -36.20 -13.64 -6.60
N PRO A 137 -36.02 -14.54 -7.59
CA PRO A 137 -34.68 -14.60 -8.22
C PRO A 137 -34.51 -13.46 -9.22
N PHE A 138 -33.37 -12.78 -9.16
CA PHE A 138 -32.97 -11.83 -10.19
C PHE A 138 -31.71 -12.42 -10.80
N VAL A 139 -31.77 -12.80 -12.07
CA VAL A 139 -30.62 -13.53 -12.66
C VAL A 139 -29.76 -12.63 -13.56
N THR A 140 -28.48 -12.51 -13.22
CA THR A 140 -27.49 -11.83 -14.05
C THR A 140 -26.92 -12.85 -15.02
N ILE A 141 -27.12 -12.61 -16.32
CA ILE A 141 -26.76 -13.59 -17.34
C ILE A 141 -25.22 -13.61 -17.52
N TYR A 142 -24.65 -12.41 -17.53
CA TYR A 142 -23.19 -12.26 -17.62
C TYR A 142 -22.58 -11.42 -16.50
N HIS A 143 -21.85 -12.11 -15.64
CA HIS A 143 -21.12 -11.42 -14.57
C HIS A 143 -19.65 -11.81 -14.64
N TRP A 144 -19.12 -11.74 -15.88
CA TRP A 144 -17.66 -11.57 -16.16
C TRP A 144 -16.89 -12.85 -16.45
N ASP A 145 -17.52 -14.00 -16.19
CA ASP A 145 -16.89 -15.32 -16.38
C ASP A 145 -17.14 -15.91 -17.79
N LEU A 146 -16.64 -15.20 -18.79
CA LEU A 146 -16.75 -15.60 -20.18
C LEU A 146 -16.11 -16.99 -20.33
N PRO A 147 -16.72 -17.88 -21.12
CA PRO A 147 -16.06 -19.15 -21.49
C PRO A 147 -14.70 -18.87 -22.13
N PHE A 148 -13.69 -19.57 -21.65
CA PHE A 148 -12.37 -19.42 -22.21
C PHE A 148 -12.36 -19.74 -23.72
N ALA A 149 -13.16 -20.74 -24.13
CA ALA A 149 -13.25 -21.13 -25.54
C ALA A 149 -13.60 -19.93 -26.43
N LEU A 150 -14.43 -19.03 -25.93
CA LEU A 150 -14.81 -17.84 -26.71
C LEU A 150 -13.75 -16.76 -26.68
N GLN A 151 -13.00 -16.70 -25.58
CA GLN A 151 -11.84 -15.76 -25.50
C GLN A 151 -10.78 -16.09 -26.57
N LEU A 152 -10.57 -17.38 -26.82
CA LEU A 152 -9.67 -17.83 -27.91
C LEU A 152 -10.09 -17.32 -29.29
N LYS A 153 -11.39 -17.07 -29.44
CA LYS A 153 -11.95 -16.48 -30.65
CA LYS A 153 -11.96 -16.49 -30.66
C LYS A 153 -12.13 -14.97 -30.58
N GLY A 154 -11.43 -14.34 -29.64
CA GLY A 154 -11.45 -12.86 -29.43
C GLY A 154 -12.40 -12.33 -28.35
N GLY A 155 -13.26 -13.20 -27.81
CA GLY A 155 -14.23 -12.79 -26.75
C GLY A 155 -15.00 -11.54 -27.14
N TRP A 156 -15.03 -10.54 -26.24
CA TRP A 156 -15.85 -9.30 -26.47
C TRP A 156 -15.32 -8.42 -27.64
N ALA A 157 -14.09 -8.67 -28.08
CA ALA A 157 -13.51 -7.96 -29.24
C ALA A 157 -14.15 -8.43 -30.57
N ASN A 158 -14.73 -9.62 -30.58
CA ASN A 158 -15.25 -10.22 -31.84
C ASN A 158 -16.73 -9.89 -31.99
N ARG A 159 -17.10 -9.28 -33.12
CA ARG A 159 -18.52 -8.95 -33.39
C ARG A 159 -19.46 -10.14 -33.28
N GLU A 160 -18.95 -11.34 -33.57
CA GLU A 160 -19.77 -12.53 -33.50
CA GLU A 160 -19.68 -12.60 -33.47
C GLU A 160 -20.24 -12.89 -32.08
N ILE A 161 -19.70 -12.23 -31.06
CA ILE A 161 -20.18 -12.47 -29.69
C ILE A 161 -21.66 -12.05 -29.51
N ALA A 162 -22.13 -11.11 -30.32
CA ALA A 162 -23.59 -10.80 -30.25
C ALA A 162 -24.41 -12.06 -30.54
N ASP A 163 -23.97 -12.86 -31.53
CA ASP A 163 -24.60 -14.17 -31.83
C ASP A 163 -24.38 -15.17 -30.67
N TRP A 164 -23.14 -15.27 -30.18
CA TRP A 164 -22.85 -16.27 -29.15
C TRP A 164 -23.66 -15.98 -27.88
N PHE A 165 -23.72 -14.69 -27.53
CA PHE A 165 -24.43 -14.25 -26.32
C PHE A 165 -25.93 -14.46 -26.49
N ALA A 166 -26.44 -14.18 -27.70
CA ALA A 166 -27.85 -14.43 -27.98
C ALA A 166 -28.23 -15.90 -27.79
N GLU A 167 -27.37 -16.79 -28.26
CA GLU A 167 -27.60 -18.24 -28.20
C GLU A 167 -27.57 -18.72 -26.73
N TYR A 168 -26.61 -18.21 -25.97
CA TYR A 168 -26.50 -18.49 -24.51
C TYR A 168 -27.76 -18.00 -23.77
N SER A 169 -28.11 -16.74 -23.98
CA SER A 169 -29.28 -16.14 -23.36
C SER A 169 -30.54 -16.97 -23.71
N ARG A 170 -30.68 -17.38 -24.97
CA ARG A 170 -31.82 -18.19 -25.40
CA ARG A 170 -31.83 -18.18 -25.40
C ARG A 170 -31.95 -19.50 -24.61
N VAL A 171 -30.81 -20.16 -24.41
CA VAL A 171 -30.79 -21.38 -23.58
C VAL A 171 -31.32 -21.08 -22.18
N LEU A 172 -30.84 -20.00 -21.56
CA LEU A 172 -31.30 -19.65 -20.21
C LEU A 172 -32.83 -19.39 -20.18
N PHE A 173 -33.28 -18.63 -21.17
CA PHE A 173 -34.69 -18.25 -21.23
C PHE A 173 -35.57 -19.48 -21.40
N GLU A 174 -35.16 -20.38 -22.29
CA GLU A 174 -35.92 -21.61 -22.59
CA GLU A 174 -35.95 -21.59 -22.57
C GLU A 174 -35.96 -22.53 -21.38
N ASN A 175 -34.85 -22.61 -20.64
CA ASN A 175 -34.78 -23.50 -19.49
C ASN A 175 -35.34 -22.93 -18.18
N PHE A 176 -35.21 -21.63 -17.98
CA PHE A 176 -35.51 -20.99 -16.69
C PHE A 176 -36.62 -19.95 -16.71
N GLY A 177 -37.03 -19.50 -17.91
CA GLY A 177 -37.92 -18.35 -18.08
C GLY A 177 -39.37 -18.64 -17.63
N ASP A 178 -39.67 -19.91 -17.40
CA ASP A 178 -40.97 -20.33 -16.87
C ASP A 178 -41.09 -19.96 -15.39
N ARG A 179 -39.94 -19.79 -14.74
CA ARG A 179 -39.85 -19.52 -13.32
C ARG A 179 -39.17 -18.20 -12.99
N VAL A 180 -38.06 -17.88 -13.65
CA VAL A 180 -37.38 -16.61 -13.42
C VAL A 180 -37.98 -15.57 -14.34
N LYS A 181 -38.39 -14.44 -13.75
CA LYS A 181 -39.11 -13.38 -14.48
C LYS A 181 -38.40 -12.05 -14.47
N ASN A 182 -37.22 -12.02 -13.87
CA ASN A 182 -36.44 -10.81 -13.73
C ASN A 182 -34.99 -11.12 -14.16
N TRP A 183 -34.58 -10.55 -15.28
CA TRP A 183 -33.26 -10.86 -15.89
C TRP A 183 -32.41 -9.62 -16.10
N ILE A 184 -31.07 -9.79 -16.02
CA ILE A 184 -30.11 -8.71 -16.24
C ILE A 184 -29.14 -9.30 -17.30
N THR A 185 -28.96 -8.60 -18.42
CA THR A 185 -28.08 -9.12 -19.48
C THR A 185 -26.61 -9.09 -19.01
N LEU A 186 -26.14 -7.89 -18.68
CA LEU A 186 -24.73 -7.64 -18.38
C LEU A 186 -24.56 -6.93 -17.05
N ASN A 187 -23.58 -7.37 -16.26
CA ASN A 187 -23.14 -6.63 -15.09
C ASN A 187 -21.96 -5.73 -15.43
N GLU A 188 -22.14 -4.42 -15.26
CA GLU A 188 -21.02 -3.45 -15.39
C GLU A 188 -20.20 -3.58 -16.67
N PRO A 189 -20.86 -3.40 -17.84
CA PRO A 189 -20.14 -3.56 -19.09
C PRO A 189 -18.95 -2.56 -19.21
N TRP A 190 -18.99 -1.39 -18.55
CA TRP A 190 -17.82 -0.51 -18.54
C TRP A 190 -16.57 -1.20 -17.99
N VAL A 191 -16.76 -1.93 -16.88
CA VAL A 191 -15.66 -2.63 -16.23
C VAL A 191 -15.15 -3.76 -17.13
N VAL A 192 -16.08 -4.55 -17.67
CA VAL A 192 -15.75 -5.65 -18.58
C VAL A 192 -14.87 -5.10 -19.71
N ALA A 193 -15.32 -4.02 -20.36
CA ALA A 193 -14.55 -3.46 -21.45
C ALA A 193 -13.25 -2.81 -20.98
N ILE A 194 -13.37 -1.81 -20.11
CA ILE A 194 -12.22 -0.97 -19.79
C ILE A 194 -11.23 -1.58 -18.79
N VAL A 195 -11.73 -2.16 -17.71
CA VAL A 195 -10.83 -2.77 -16.77
C VAL A 195 -10.26 -4.08 -17.36
N GLY A 196 -11.05 -4.82 -18.15
CA GLY A 196 -10.58 -6.10 -18.72
C GLY A 196 -9.70 -5.93 -19.95
N HIS A 197 -9.91 -4.86 -20.71
CA HIS A 197 -9.25 -4.75 -22.05
C HIS A 197 -8.43 -3.48 -22.31
N LEU A 198 -8.52 -2.50 -21.42
CA LEU A 198 -7.66 -1.33 -21.46
C LEU A 198 -6.69 -1.29 -20.27
N TYR A 199 -7.22 -1.43 -19.05
CA TYR A 199 -6.37 -1.44 -17.86
C TYR A 199 -5.65 -2.76 -17.70
N GLY A 200 -6.27 -3.84 -18.18
CA GLY A 200 -5.68 -5.17 -18.04
C GLY A 200 -5.65 -5.72 -16.63
N VAL A 201 -6.47 -5.16 -15.76
CA VAL A 201 -6.47 -5.51 -14.34
C VAL A 201 -7.43 -6.67 -14.07
N HIS A 202 -8.45 -6.80 -14.93
CA HIS A 202 -9.37 -7.94 -14.93
C HIS A 202 -9.21 -8.80 -16.18
N ALA A 203 -9.69 -10.04 -16.11
CA ALA A 203 -9.73 -10.92 -17.30
C ALA A 203 -10.42 -10.18 -18.44
N PRO A 204 -9.95 -10.38 -19.70
CA PRO A 204 -8.86 -11.28 -20.12
C PRO A 204 -7.48 -10.64 -20.00
N GLY A 205 -7.39 -9.46 -19.38
CA GLY A 205 -6.10 -8.87 -18.98
C GLY A 205 -5.35 -8.22 -20.10
N MET A 206 -6.07 -7.50 -20.97
CA MET A 206 -5.50 -6.83 -22.13
CA MET A 206 -5.45 -6.82 -22.11
C MET A 206 -5.34 -5.31 -21.89
N ARG A 207 -4.42 -4.68 -22.64
CA ARG A 207 -4.20 -3.23 -22.62
C ARG A 207 -4.15 -2.70 -24.05
N ASP A 208 -5.32 -2.55 -24.67
CA ASP A 208 -5.42 -2.02 -26.00
C ASP A 208 -6.71 -1.20 -26.08
N ILE A 209 -6.58 0.12 -26.28
CA ILE A 209 -7.76 1.01 -26.27
C ILE A 209 -8.74 0.76 -27.44
N TYR A 210 -8.26 0.33 -28.61
CA TYR A 210 -9.11 -0.01 -29.76
C TYR A 210 -9.92 -1.28 -29.47
N VAL A 211 -9.26 -2.27 -28.86
CA VAL A 211 -9.99 -3.46 -28.42
C VAL A 211 -11.05 -3.07 -27.36
N ALA A 212 -10.67 -2.25 -26.38
CA ALA A 212 -11.59 -1.90 -25.28
C ALA A 212 -12.85 -1.23 -25.80
N PHE A 213 -12.72 -0.35 -26.78
CA PHE A 213 -13.92 0.31 -27.33
C PHE A 213 -14.70 -0.58 -28.26
N ARG A 214 -14.05 -1.51 -28.93
CA ARG A 214 -14.86 -2.50 -29.64
CA ARG A 214 -14.80 -2.55 -29.64
C ARG A 214 -15.61 -3.42 -28.68
N ALA A 215 -15.05 -3.66 -27.49
CA ALA A 215 -15.75 -4.46 -26.49
C ALA A 215 -16.97 -3.67 -25.97
N VAL A 216 -16.81 -2.38 -25.73
CA VAL A 216 -17.97 -1.52 -25.37
C VAL A 216 -19.10 -1.75 -26.38
N HIS A 217 -18.77 -1.59 -27.66
CA HIS A 217 -19.76 -1.63 -28.71
C HIS A 217 -20.36 -3.02 -28.83
N ASN A 218 -19.50 -4.04 -28.75
CA ASN A 218 -20.04 -5.41 -28.84
C ASN A 218 -20.90 -5.81 -27.63
N LEU A 219 -20.53 -5.31 -26.46
CA LEU A 219 -21.37 -5.53 -25.26
C LEU A 219 -22.80 -5.00 -25.50
N LEU A 220 -22.90 -3.78 -26.02
CA LEU A 220 -24.21 -3.20 -26.39
C LEU A 220 -24.95 -4.07 -27.43
N ARG A 221 -24.26 -4.48 -28.48
CA ARG A 221 -24.90 -5.31 -29.53
C ARG A 221 -25.36 -6.62 -28.96
N ALA A 222 -24.54 -7.23 -28.09
CA ALA A 222 -24.90 -8.51 -27.48
C ALA A 222 -26.10 -8.33 -26.54
N HIS A 223 -26.05 -7.31 -25.69
CA HIS A 223 -27.18 -6.96 -24.77
C HIS A 223 -28.49 -6.86 -25.59
N ALA A 224 -28.42 -6.13 -26.70
CA ALA A 224 -29.63 -5.86 -27.47
C ALA A 224 -30.17 -7.14 -28.11
N ARG A 225 -29.28 -7.99 -28.62
CA ARG A 225 -29.68 -9.27 -29.22
CA ARG A 225 -29.71 -9.26 -29.21
CA ARG A 225 -29.66 -9.29 -29.21
C ARG A 225 -30.36 -10.18 -28.18
N ALA A 226 -29.84 -10.17 -26.94
CA ALA A 226 -30.42 -10.97 -25.88
C ALA A 226 -31.80 -10.43 -25.53
N VAL A 227 -31.95 -9.11 -25.43
CA VAL A 227 -33.30 -8.55 -25.17
C VAL A 227 -34.27 -8.99 -26.29
N LYS A 228 -33.85 -8.85 -27.55
CA LYS A 228 -34.65 -9.31 -28.70
C LYS A 228 -35.09 -10.79 -28.59
N VAL A 229 -34.17 -11.67 -28.21
CA VAL A 229 -34.48 -13.08 -28.04
C VAL A 229 -35.46 -13.24 -26.85
N PHE A 230 -35.25 -12.45 -25.80
CA PHE A 230 -36.11 -12.51 -24.60
C PHE A 230 -37.59 -12.29 -24.98
N ARG A 231 -37.85 -11.29 -25.81
CA ARG A 231 -39.23 -10.99 -26.25
C ARG A 231 -39.91 -12.11 -27.03
N GLU A 232 -39.09 -12.90 -27.73
CA GLU A 232 -39.53 -14.06 -28.50
C GLU A 232 -39.76 -15.29 -27.60
N THR A 233 -39.14 -15.31 -26.41
CA THR A 233 -39.10 -16.55 -25.61
CA THR A 233 -39.04 -16.53 -25.60
C THR A 233 -39.79 -16.48 -24.25
N VAL A 234 -39.76 -15.33 -23.59
CA VAL A 234 -40.31 -15.19 -22.24
C VAL A 234 -41.27 -14.02 -22.27
N LYS A 235 -42.41 -14.26 -22.89
CA LYS A 235 -43.42 -13.21 -23.07
C LYS A 235 -43.99 -12.62 -21.76
N ASP A 236 -43.67 -13.22 -20.61
CA ASP A 236 -44.20 -12.69 -19.35
CA ASP A 236 -44.16 -12.85 -19.27
C ASP A 236 -43.20 -12.00 -18.40
N GLY A 237 -41.91 -12.03 -18.69
CA GLY A 237 -40.94 -11.41 -17.74
C GLY A 237 -40.40 -10.03 -18.05
N LYS A 238 -39.44 -9.55 -17.22
CA LYS A 238 -38.76 -8.28 -17.44
C LYS A 238 -37.23 -8.45 -17.54
N ILE A 239 -36.63 -7.61 -18.38
CA ILE A 239 -35.16 -7.66 -18.60
C ILE A 239 -34.54 -6.26 -18.56
N GLY A 240 -33.36 -6.15 -17.97
CA GLY A 240 -32.62 -4.92 -17.89
C GLY A 240 -31.11 -5.16 -17.94
N ILE A 241 -30.37 -4.21 -17.41
CA ILE A 241 -28.92 -4.17 -17.55
C ILE A 241 -28.40 -3.34 -16.41
N VAL A 242 -27.21 -3.69 -15.90
CA VAL A 242 -26.64 -3.11 -14.69
C VAL A 242 -25.37 -2.31 -14.97
N PHE A 243 -25.28 -1.06 -14.46
CA PHE A 243 -24.08 -0.21 -14.67
C PHE A 243 -23.42 0.20 -13.36
N ASN A 244 -22.08 0.25 -13.32
CA ASN A 244 -21.36 0.86 -12.20
C ASN A 244 -21.48 2.38 -12.35
N ASN A 245 -21.48 3.07 -11.21
CA ASN A 245 -21.60 4.53 -11.23
C ASN A 245 -20.83 5.10 -10.08
N GLY A 246 -20.14 6.22 -10.34
CA GLY A 246 -19.52 7.03 -9.29
C GLY A 246 -20.18 8.39 -9.21
N TYR A 247 -20.05 9.03 -8.04
CA TYR A 247 -20.49 10.43 -7.88
C TYR A 247 -19.28 11.34 -8.03
N PHE A 248 -19.17 11.93 -9.21
CA PHE A 248 -18.03 12.79 -9.50
C PHE A 248 -18.43 14.24 -9.20
N GLU A 249 -17.61 14.87 -8.38
CA GLU A 249 -17.78 16.25 -7.98
C GLU A 249 -16.57 17.00 -8.48
N PRO A 250 -16.73 18.29 -8.88
CA PRO A 250 -15.56 19.00 -9.35
C PRO A 250 -14.73 19.59 -8.21
N ALA A 251 -13.42 19.66 -8.44
CA ALA A 251 -12.47 20.11 -7.43
C ALA A 251 -12.59 21.63 -7.20
N SER A 252 -13.48 22.27 -7.97
CA SER A 252 -13.64 23.72 -7.98
C SER A 252 -14.60 24.07 -9.12
N GLU A 253 -14.91 25.37 -9.26
CA GLU A 253 -15.20 25.94 -10.59
C GLU A 253 -13.74 26.00 -11.05
N LYS A 254 -13.34 26.60 -12.16
CA LYS A 254 -13.61 26.26 -13.54
C LYS A 254 -14.78 25.31 -13.84
N ASP A 257 -12.80 21.71 -15.15
CA ASP A 257 -13.07 20.83 -14.00
C ASP A 257 -14.51 20.33 -14.02
N ILE A 258 -15.48 21.22 -14.27
CA ILE A 258 -16.86 20.75 -14.28
C ILE A 258 -17.11 19.90 -15.53
N ARG A 259 -16.34 20.16 -16.59
CA ARG A 259 -16.36 19.38 -17.82
C ARG A 259 -15.67 18.04 -17.62
N ALA A 260 -14.66 18.02 -16.74
CA ALA A 260 -13.97 16.78 -16.39
C ALA A 260 -15.00 15.88 -15.72
N VAL A 261 -15.83 16.47 -14.87
CA VAL A 261 -16.91 15.77 -14.22
C VAL A 261 -17.92 15.30 -15.25
N ARG A 262 -18.25 16.16 -16.22
CA ARG A 262 -19.18 15.80 -17.29
C ARG A 262 -18.64 14.60 -18.06
N PHE A 263 -17.34 14.62 -18.40
CA PHE A 263 -16.74 13.50 -19.12
C PHE A 263 -16.79 12.19 -18.29
N MET A 264 -16.46 12.26 -17.00
CA MET A 264 -16.46 11.04 -16.16
C MET A 264 -17.86 10.48 -16.03
N HIS A 265 -18.85 11.36 -15.84
CA HIS A 265 -20.23 10.89 -15.82
C HIS A 265 -20.61 10.18 -17.13
N GLN A 266 -20.31 10.82 -18.25
CA GLN A 266 -20.71 10.27 -19.55
C GLN A 266 -19.98 8.97 -19.87
N PHE A 267 -18.74 8.87 -19.42
CA PHE A 267 -17.85 7.76 -19.76
C PHE A 267 -17.97 6.59 -18.76
N ASN A 268 -17.91 6.93 -17.47
CA ASN A 268 -17.81 5.94 -16.39
C ASN A 268 -19.15 5.51 -15.86
N ASN A 269 -20.17 6.35 -16.07
CA ASN A 269 -21.51 6.06 -15.54
C ASN A 269 -22.48 5.53 -16.60
N TYR A 270 -23.75 5.30 -16.22
CA TYR A 270 -24.77 4.78 -17.15
C TYR A 270 -24.85 5.44 -18.58
N PRO A 271 -24.54 6.75 -18.74
CA PRO A 271 -24.73 7.32 -20.11
C PRO A 271 -23.97 6.63 -21.24
N LEU A 272 -22.80 6.08 -20.97
CA LEU A 272 -22.05 5.40 -22.03
C LEU A 272 -22.90 4.37 -22.78
N PHE A 273 -23.76 3.68 -22.02
CA PHE A 273 -24.62 2.63 -22.55
C PHE A 273 -26.05 3.10 -22.78
N LEU A 274 -26.54 4.01 -21.92
CA LEU A 274 -27.95 4.43 -22.03
C LEU A 274 -28.17 5.47 -23.11
N ASN A 275 -27.16 6.27 -23.41
CA ASN A 275 -27.25 7.14 -24.57
C ASN A 275 -27.45 6.33 -25.88
N PRO A 276 -26.65 5.27 -26.13
CA PRO A 276 -27.04 4.37 -27.21
C PRO A 276 -28.43 3.74 -27.13
N ILE A 277 -28.79 3.21 -25.96
CA ILE A 277 -30.05 2.47 -25.81
C ILE A 277 -31.29 3.37 -26.02
N TYR A 278 -31.24 4.55 -25.43
CA TYR A 278 -32.36 5.48 -25.43
C TYR A 278 -32.30 6.51 -26.55
N ARG A 279 -31.10 6.87 -26.98
CA ARG A 279 -30.93 7.97 -27.95
C ARG A 279 -30.21 7.60 -29.24
N GLY A 280 -29.61 6.41 -29.28
CA GLY A 280 -29.05 5.91 -30.51
C GLY A 280 -27.66 6.45 -30.85
N ASP A 281 -26.93 6.90 -29.86
CA ASP A 281 -25.51 7.25 -30.09
C ASP A 281 -24.78 7.34 -28.77
N TYR A 282 -23.45 7.29 -28.81
CA TYR A 282 -22.66 7.48 -27.61
C TYR A 282 -22.79 8.91 -27.11
N PRO A 283 -22.58 9.17 -25.80
CA PRO A 283 -22.56 10.55 -25.25
C PRO A 283 -21.51 11.44 -25.93
N GLU A 284 -21.77 12.75 -26.01
CA GLU A 284 -20.93 13.67 -26.75
C GLU A 284 -19.44 13.65 -26.35
N LEU A 285 -19.16 13.69 -25.06
CA LEU A 285 -17.78 13.73 -24.60
C LEU A 285 -17.07 12.37 -24.72
N VAL A 286 -17.85 11.28 -24.80
CA VAL A 286 -17.24 9.97 -25.07
C VAL A 286 -16.74 9.99 -26.51
N LEU A 287 -17.59 10.47 -27.41
CA LEU A 287 -17.19 10.60 -28.82
C LEU A 287 -15.99 11.54 -29.01
N GLU A 288 -15.96 12.66 -28.27
CA GLU A 288 -14.77 13.53 -28.29
C GLU A 288 -13.47 12.77 -27.97
N PHE A 289 -13.48 11.97 -26.91
CA PHE A 289 -12.31 11.18 -26.50
C PHE A 289 -12.02 9.96 -27.40
N ALA A 290 -13.06 9.23 -27.80
CA ALA A 290 -12.89 7.83 -28.21
C ALA A 290 -13.37 7.51 -29.61
N ARG A 291 -13.77 8.54 -30.38
CA ARG A 291 -14.31 8.28 -31.70
C ARG A 291 -13.37 7.40 -32.53
N GLU A 292 -12.08 7.71 -32.52
CA GLU A 292 -11.14 6.99 -33.37
C GLU A 292 -10.99 5.53 -33.00
N TYR A 293 -11.40 5.19 -31.77
CA TYR A 293 -11.25 3.82 -31.25
C TYR A 293 -12.45 2.96 -31.54
N LEU A 294 -13.58 3.59 -31.90
CA LEU A 294 -14.80 2.85 -32.19
C LEU A 294 -14.78 2.40 -33.64
N PRO A 295 -15.52 1.33 -33.97
CA PRO A 295 -15.61 0.94 -35.38
C PRO A 295 -16.00 2.14 -36.26
N GLU A 296 -15.46 2.18 -37.47
CA GLU A 296 -15.72 3.28 -38.40
C GLU A 296 -17.22 3.46 -38.66
N ASN A 297 -17.93 2.35 -38.79
CA ASN A 297 -19.38 2.39 -39.10
C ASN A 297 -20.28 1.96 -37.93
N TYR A 298 -19.89 2.32 -36.72
CA TYR A 298 -20.58 1.86 -35.51
C TYR A 298 -22.05 2.32 -35.49
N LYS A 299 -22.38 3.47 -36.10
CA LYS A 299 -23.79 3.94 -36.10
C LYS A 299 -24.73 2.96 -36.80
N ASP A 300 -24.20 2.14 -37.70
CA ASP A 300 -25.01 1.15 -38.43
C ASP A 300 -25.67 0.17 -37.46
N ASP A 301 -25.08 0.03 -36.28
CA ASP A 301 -25.62 -0.89 -35.27
C ASP A 301 -26.57 -0.23 -34.24
N MET A 302 -26.66 1.10 -34.26
CA MET A 302 -27.43 1.79 -33.24
C MET A 302 -28.95 1.53 -33.26
N SER A 303 -29.56 1.36 -34.43
CA SER A 303 -30.99 1.07 -34.45
C SER A 303 -31.30 -0.22 -33.66
N GLU A 304 -30.50 -1.27 -33.86
CA GLU A 304 -30.66 -2.51 -33.08
C GLU A 304 -30.36 -2.35 -31.59
N ILE A 305 -29.38 -1.50 -31.26
CA ILE A 305 -28.99 -1.27 -29.86
C ILE A 305 -30.15 -0.66 -29.05
N GLN A 306 -31.04 0.07 -29.74
CA GLN A 306 -32.16 0.71 -29.05
C GLN A 306 -33.31 -0.23 -28.64
N GLU A 307 -33.13 -1.54 -28.78
CA GLU A 307 -34.11 -2.53 -28.32
C GLU A 307 -34.63 -2.17 -26.91
N LYS A 308 -35.96 -2.14 -26.73
CA LYS A 308 -36.56 -1.63 -25.48
CA LYS A 308 -36.56 -1.63 -25.49
C LYS A 308 -36.22 -2.50 -24.28
N ILE A 309 -35.81 -1.85 -23.19
CA ILE A 309 -35.51 -2.54 -21.92
C ILE A 309 -36.59 -2.24 -20.88
N ASP A 310 -36.70 -3.08 -19.86
CA ASP A 310 -37.76 -2.95 -18.85
C ASP A 310 -37.33 -2.18 -17.60
N PHE A 311 -36.03 -2.23 -17.29
CA PHE A 311 -35.51 -1.53 -16.12
C PHE A 311 -34.02 -1.25 -16.27
N VAL A 312 -33.50 -0.32 -15.46
CA VAL A 312 -32.08 0.00 -15.40
C VAL A 312 -31.59 -0.36 -14.01
N GLY A 313 -30.54 -1.16 -13.94
CA GLY A 313 -29.91 -1.46 -12.66
C GLY A 313 -28.72 -0.54 -12.44
N LEU A 314 -28.65 0.13 -11.30
CA LEU A 314 -27.49 0.98 -11.00
C LEU A 314 -26.78 0.43 -9.80
N ASN A 315 -25.47 0.23 -9.95
CA ASN A 315 -24.61 -0.02 -8.80
C ASN A 315 -24.00 1.29 -8.37
N TYR A 316 -23.79 1.46 -7.07
CA TYR A 316 -23.22 2.69 -6.54
C TYR A 316 -22.49 2.40 -5.21
N TYR A 317 -21.27 2.92 -5.08
CA TYR A 317 -20.42 2.72 -3.90
C TYR A 317 -19.72 3.99 -3.41
N SER A 318 -19.29 4.83 -4.35
CA SER A 318 -18.33 5.86 -4.00
C SER A 318 -18.37 7.15 -4.79
N GLY A 319 -17.80 8.20 -4.20
CA GLY A 319 -17.65 9.50 -4.86
C GLY A 319 -16.18 9.79 -5.13
N HIS A 320 -15.92 10.65 -6.12
CA HIS A 320 -14.58 11.04 -6.50
C HIS A 320 -14.52 12.52 -6.74
N LEU A 321 -13.48 13.16 -6.20
CA LEU A 321 -13.18 14.54 -6.56
C LEU A 321 -12.31 14.52 -7.79
N VAL A 322 -12.74 15.30 -8.77
CA VAL A 322 -12.17 15.22 -10.08
C VAL A 322 -11.73 16.62 -10.54
N LYS A 323 -10.57 16.67 -11.16
CA LYS A 323 -10.09 17.89 -11.77
C LYS A 323 -9.51 17.55 -13.11
N PHE A 324 -9.59 18.51 -14.04
CA PHE A 324 -8.88 18.38 -15.31
C PHE A 324 -7.41 18.24 -15.02
N ASP A 325 -6.75 17.43 -15.83
CA ASP A 325 -5.31 17.20 -15.71
C ASP A 325 -4.76 16.93 -17.11
N PRO A 326 -3.96 17.87 -17.65
CA PRO A 326 -3.47 17.85 -19.05
C PRO A 326 -2.66 16.62 -19.42
N ASP A 327 -1.98 16.03 -18.46
CA ASP A 327 -1.17 14.85 -18.72
C ASP A 327 -2.02 13.57 -18.79
N ALA A 330 -6.98 10.40 -19.99
CA ALA A 330 -8.25 10.96 -20.45
C ALA A 330 -8.45 12.42 -19.99
N LYS A 331 -7.36 13.07 -19.58
CA LYS A 331 -7.38 14.47 -19.15
C LYS A 331 -8.05 14.66 -17.81
N VAL A 332 -8.03 13.60 -17.00
CA VAL A 332 -8.71 13.58 -15.71
C VAL A 332 -7.84 12.87 -14.70
N SER A 333 -7.64 13.49 -13.54
CA SER A 333 -7.04 12.77 -12.42
C SER A 333 -7.95 12.91 -11.21
N PHE A 334 -7.83 11.97 -10.28
CA PHE A 334 -8.61 12.04 -9.06
C PHE A 334 -7.85 12.82 -7.99
N VAL A 335 -8.61 13.53 -7.17
CA VAL A 335 -8.04 14.30 -6.07
C VAL A 335 -8.50 13.63 -4.78
N GLU A 336 -7.55 13.16 -3.99
CA GLU A 336 -7.91 12.51 -2.74
C GLU A 336 -8.50 13.51 -1.73
N ARG A 337 -9.58 13.11 -1.07
CA ARG A 337 -10.23 13.96 -0.07
C ARG A 337 -10.07 13.34 1.29
N ASP A 338 -10.09 14.19 2.32
CA ASP A 338 -10.06 13.72 3.69
C ASP A 338 -11.49 13.42 4.11
N LEU A 339 -12.00 12.27 3.65
CA LEU A 339 -13.35 11.79 3.94
C LEU A 339 -13.22 10.38 4.50
N PRO A 340 -14.23 9.89 5.26
CA PRO A 340 -14.20 8.47 5.62
C PRO A 340 -14.07 7.58 4.36
N LYS A 341 -13.24 6.55 4.43
CA LYS A 341 -13.05 5.62 3.31
C LYS A 341 -13.29 4.19 3.76
N THR A 342 -13.53 3.28 2.82
CA THR A 342 -13.67 1.86 3.18
C THR A 342 -12.29 1.22 3.11
N ALA A 343 -12.21 -0.08 3.37
CA ALA A 343 -10.98 -0.86 3.13
C ALA A 343 -10.48 -0.86 1.68
N MET A 344 -11.36 -0.50 0.73
CA MET A 344 -10.93 -0.32 -0.67
C MET A 344 -10.25 1.04 -0.88
N GLY A 345 -10.33 1.89 0.13
CA GLY A 345 -9.85 3.27 0.00
C GLY A 345 -10.87 4.14 -0.72
N TRP A 346 -12.11 3.66 -0.82
CA TRP A 346 -13.17 4.40 -1.51
C TRP A 346 -13.87 5.37 -0.55
N GLU A 347 -13.94 6.64 -0.94
CA GLU A 347 -14.63 7.65 -0.14
C GLU A 347 -16.11 7.37 0.02
N ILE A 348 -16.61 7.54 1.24
CA ILE A 348 -18.01 7.27 1.55
C ILE A 348 -18.79 8.55 1.36
N VAL A 349 -19.65 8.57 0.33
CA VAL A 349 -20.40 9.79 -0.01
C VAL A 349 -21.84 9.41 -0.31
N PRO A 350 -22.66 9.23 0.74
CA PRO A 350 -23.99 8.69 0.56
C PRO A 350 -24.90 9.49 -0.36
N GLU A 351 -24.69 10.80 -0.44
CA GLU A 351 -25.54 11.66 -1.28
C GLU A 351 -25.40 11.29 -2.76
N GLY A 352 -24.28 10.66 -3.09
CA GLY A 352 -24.06 10.15 -4.44
C GLY A 352 -25.12 9.19 -4.94
N ILE A 353 -25.66 8.34 -4.06
CA ILE A 353 -26.71 7.41 -4.47
C ILE A 353 -28.01 8.16 -4.80
N TYR A 354 -28.30 9.21 -4.02
CA TYR A 354 -29.45 10.07 -4.33
C TYR A 354 -29.25 10.78 -5.68
N TRP A 355 -28.06 11.35 -5.88
CA TRP A 355 -27.72 12.02 -7.12
C TRP A 355 -27.89 11.14 -8.36
N ILE A 356 -27.34 9.93 -8.34
CA ILE A 356 -27.35 9.09 -9.55
C ILE A 356 -28.77 8.64 -9.88
N LEU A 357 -29.59 8.47 -8.85
CA LEU A 357 -30.99 8.09 -9.04
C LEU A 357 -31.79 9.22 -9.65
N LYS A 358 -31.61 10.43 -9.11
CA LYS A 358 -32.19 11.65 -9.68
C LYS A 358 -31.76 11.84 -11.14
N LYS A 359 -30.45 11.72 -11.35
CA LYS A 359 -29.84 11.98 -12.66
C LYS A 359 -30.31 11.01 -13.74
N VAL A 360 -30.43 9.72 -13.41
CA VAL A 360 -30.90 8.76 -14.40
C VAL A 360 -32.37 9.05 -14.82
N LYS A 361 -33.23 9.44 -13.87
CA LYS A 361 -34.61 9.82 -14.20
CA LYS A 361 -34.60 9.83 -14.19
C LYS A 361 -34.61 11.03 -15.12
N GLU A 362 -33.77 12.00 -14.82
CA GLU A 362 -33.74 13.25 -15.52
C GLU A 362 -33.19 13.08 -16.93
N GLU A 363 -32.22 12.18 -17.09
CA GLU A 363 -31.55 12.04 -18.37
C GLU A 363 -32.27 11.10 -19.30
N TYR A 364 -32.70 9.94 -18.81
CA TYR A 364 -33.30 8.89 -19.66
C TYR A 364 -34.72 8.42 -19.24
N ASN A 365 -35.14 8.82 -18.04
CA ASN A 365 -36.48 8.45 -17.53
C ASN A 365 -36.86 6.97 -17.69
N PRO A 366 -35.99 6.05 -17.22
CA PRO A 366 -36.34 4.64 -17.39
C PRO A 366 -37.60 4.34 -16.59
N PRO A 367 -38.43 3.39 -17.05
CA PRO A 367 -39.70 3.13 -16.36
C PRO A 367 -39.52 2.52 -14.96
N GLU A 368 -38.48 1.70 -14.77
CA GLU A 368 -38.13 1.18 -13.44
C GLU A 368 -36.63 1.28 -13.23
N VAL A 369 -36.22 1.50 -11.97
CA VAL A 369 -34.80 1.48 -11.61
C VAL A 369 -34.65 0.54 -10.40
N TYR A 370 -33.52 -0.18 -10.36
CA TYR A 370 -33.11 -0.90 -9.16
C TYR A 370 -31.71 -0.46 -8.76
N ILE A 371 -31.46 -0.36 -7.46
CA ILE A 371 -30.10 -0.33 -6.98
C ILE A 371 -29.73 -1.80 -6.90
N THR A 372 -28.88 -2.22 -7.84
CA THR A 372 -28.55 -3.65 -7.98
C THR A 372 -27.29 -4.03 -7.19
N GLU A 373 -26.55 -3.03 -6.72
CA GLU A 373 -25.48 -3.20 -5.74
C GLU A 373 -25.25 -1.92 -4.97
N ASN A 374 -25.03 -2.09 -3.67
CA ASN A 374 -24.52 -1.03 -2.75
C ASN A 374 -23.95 -1.81 -1.60
N GLY A 375 -22.79 -1.41 -1.09
CA GLY A 375 -22.13 -2.18 -0.05
C GLY A 375 -20.77 -1.61 0.25
N ALA A 376 -20.03 -2.27 1.12
CA ALA A 376 -18.75 -1.77 1.57
C ALA A 376 -17.84 -2.87 2.06
N ALA A 377 -16.54 -2.68 1.82
CA ALA A 377 -15.54 -3.59 2.38
C ALA A 377 -14.92 -2.93 3.61
N PHE A 378 -14.91 -3.67 4.71
CA PHE A 378 -14.21 -3.23 5.94
C PHE A 378 -13.40 -4.39 6.47
N ASP A 379 -12.43 -4.10 7.36
CA ASP A 379 -11.55 -5.10 7.92
C ASP A 379 -12.30 -5.86 9.01
N ASP A 380 -13.22 -6.74 8.63
CA ASP A 380 -14.04 -7.45 9.60
C ASP A 380 -13.26 -8.45 10.42
N VAL A 381 -13.60 -8.50 11.70
CA VAL A 381 -13.04 -9.48 12.62
C VAL A 381 -14.16 -10.14 13.43
N VAL A 382 -14.00 -11.42 13.70
CA VAL A 382 -14.87 -12.15 14.62
C VAL A 382 -14.37 -11.88 16.04
N SER A 383 -15.14 -11.16 16.85
CA SER A 383 -14.78 -10.86 18.24
CA SER A 383 -14.74 -10.87 18.22
C SER A 383 -14.84 -12.12 19.12
N GLU A 384 -14.37 -12.00 20.36
CA GLU A 384 -14.38 -13.11 21.31
C GLU A 384 -15.78 -13.63 21.58
N ASP A 385 -16.77 -12.75 21.43
CA ASP A 385 -18.20 -13.10 21.63
C ASP A 385 -18.82 -13.89 20.45
N GLY A 386 -18.00 -14.16 19.43
CA GLY A 386 -18.42 -14.94 18.25
C GLY A 386 -19.15 -14.14 17.19
N ARG A 387 -19.25 -12.82 17.41
CA ARG A 387 -19.99 -11.94 16.51
C ARG A 387 -19.06 -11.06 15.69
N VAL A 388 -19.60 -10.48 14.61
CA VAL A 388 -18.85 -9.54 13.79
C VAL A 388 -19.49 -8.17 13.93
N HIS A 389 -18.86 -7.30 14.71
CA HIS A 389 -19.44 -6.02 15.06
C HIS A 389 -19.13 -4.93 14.02
N ASP A 390 -19.69 -5.09 12.82
CA ASP A 390 -19.41 -4.16 11.73
C ASP A 390 -20.33 -2.93 11.73
N GLN A 391 -20.22 -2.12 12.77
CA GLN A 391 -21.00 -0.88 12.87
C GLN A 391 -20.67 0.05 11.69
N ASN A 392 -19.42 0.03 11.25
CA ASN A 392 -19.03 0.81 10.07
C ASN A 392 -19.87 0.46 8.83
N ARG A 393 -20.15 -0.83 8.65
CA ARG A 393 -20.94 -1.26 7.50
C ARG A 393 -22.43 -0.92 7.71
N ILE A 394 -22.91 -1.03 8.94
CA ILE A 394 -24.28 -0.63 9.23
C ILE A 394 -24.47 0.85 8.88
N ASP A 395 -23.53 1.69 9.32
CA ASP A 395 -23.63 3.14 9.13
C ASP A 395 -23.66 3.49 7.66
N TYR A 396 -22.79 2.84 6.90
CA TYR A 396 -22.69 2.97 5.45
C TYR A 396 -24.01 2.61 4.77
N LEU A 397 -24.54 1.42 5.05
CA LEU A 397 -25.78 1.00 4.41
C LEU A 397 -26.96 1.90 4.82
N LYS A 398 -27.04 2.22 6.13
CA LYS A 398 -28.14 3.07 6.60
C LYS A 398 -28.22 4.39 5.86
N ALA A 399 -27.08 5.06 5.75
CA ALA A 399 -27.00 6.33 5.04
C ALA A 399 -27.42 6.27 3.57
N HIS A 400 -27.02 5.20 2.89
CA HIS A 400 -27.35 5.05 1.48
C HIS A 400 -28.80 4.66 1.29
N ILE A 401 -29.32 3.80 2.16
CA ILE A 401 -30.74 3.45 2.11
C ILE A 401 -31.58 4.72 2.32
N GLY A 402 -31.13 5.59 3.24
CA GLY A 402 -31.82 6.86 3.53
C GLY A 402 -31.88 7.78 2.32
N GLN A 403 -30.76 7.89 1.61
CA GLN A 403 -30.66 8.69 0.38
C GLN A 403 -31.50 8.09 -0.76
N ALA A 404 -31.57 6.77 -0.82
CA ALA A 404 -32.41 6.09 -1.79
C ALA A 404 -33.90 6.39 -1.53
N TRP A 405 -34.27 6.35 -0.24
CA TRP A 405 -35.63 6.66 0.20
C TRP A 405 -36.04 8.04 -0.30
N LYS A 406 -35.11 8.99 -0.18
CA LYS A 406 -35.32 10.38 -0.58
C LYS A 406 -35.68 10.47 -2.06
N ALA A 407 -34.86 9.84 -2.90
CA ALA A 407 -35.12 9.74 -4.32
C ALA A 407 -36.52 9.21 -4.63
N ILE A 408 -36.98 8.20 -3.90
CA ILE A 408 -38.35 7.69 -4.05
C ILE A 408 -39.39 8.79 -3.73
N GLN A 409 -39.16 9.54 -2.65
CA GLN A 409 -40.10 10.61 -2.25
C GLN A 409 -40.21 11.64 -3.38
N GLU A 410 -39.11 11.84 -4.09
CA GLU A 410 -39.08 12.77 -5.23
C GLU A 410 -39.38 12.15 -6.59
N GLY A 411 -39.98 10.97 -6.62
CA GLY A 411 -40.54 10.46 -7.86
C GLY A 411 -39.67 9.50 -8.68
N VAL A 412 -38.48 9.14 -8.21
CA VAL A 412 -37.69 8.13 -8.94
C VAL A 412 -38.40 6.78 -8.75
N PRO A 413 -38.68 6.05 -9.85
CA PRO A 413 -39.36 4.75 -9.77
C PRO A 413 -38.41 3.61 -9.36
N LEU A 414 -37.84 3.75 -8.16
CA LEU A 414 -36.94 2.75 -7.58
C LEU A 414 -37.76 1.60 -7.00
N LYS A 415 -37.56 0.41 -7.54
CA LYS A 415 -38.41 -0.74 -7.18
C LYS A 415 -37.75 -1.70 -6.19
N GLY A 416 -36.46 -1.54 -6.01
CA GLY A 416 -35.71 -2.49 -5.17
C GLY A 416 -34.31 -2.02 -4.91
N TYR A 417 -33.66 -2.67 -3.96
CA TYR A 417 -32.33 -2.30 -3.50
C TYR A 417 -31.63 -3.58 -3.06
N PHE A 418 -30.42 -3.85 -3.61
CA PHE A 418 -29.66 -5.09 -3.35
C PHE A 418 -28.31 -4.81 -2.67
N VAL A 419 -28.07 -5.44 -1.53
CA VAL A 419 -26.82 -5.22 -0.83
C VAL A 419 -25.78 -6.13 -1.50
N TRP A 420 -24.64 -5.57 -1.87
CA TRP A 420 -23.49 -6.37 -2.28
C TRP A 420 -22.64 -6.48 -1.02
N SER A 421 -22.45 -7.67 -0.46
CA SER A 421 -22.91 -8.96 -0.95
C SER A 421 -23.54 -9.78 0.18
N LEU A 422 -24.29 -10.83 -0.13
CA LEU A 422 -24.67 -11.79 0.92
C LEU A 422 -23.44 -12.28 1.71
N LEU A 423 -22.37 -12.61 0.99
CA LEU A 423 -21.23 -13.36 1.55
C LEU A 423 -19.93 -12.64 1.24
N ASP A 424 -18.97 -12.68 2.16
CA ASP A 424 -17.58 -12.35 1.81
C ASP A 424 -17.20 -13.31 0.67
N ASN A 425 -16.40 -12.84 -0.26
CA ASN A 425 -16.17 -13.67 -1.43
C ASN A 425 -14.90 -13.25 -2.16
N PHE A 426 -14.66 -13.89 -3.30
CA PHE A 426 -13.49 -13.58 -4.12
C PHE A 426 -13.66 -12.23 -4.83
N GLU A 427 -12.94 -11.22 -4.35
CA GLU A 427 -13.11 -9.87 -4.85
C GLU A 427 -12.10 -9.65 -5.99
N TRP A 428 -12.25 -10.46 -7.06
CA TRP A 428 -11.52 -10.24 -8.31
C TRP A 428 -10.02 -10.11 -8.05
N ALA A 429 -9.38 -9.10 -8.60
CA ALA A 429 -7.91 -8.94 -8.48
C ALA A 429 -7.40 -8.71 -7.06
N GLU A 430 -8.29 -8.34 -6.12
CA GLU A 430 -7.94 -8.24 -4.71
C GLU A 430 -8.03 -9.59 -4.00
N GLY A 431 -8.52 -10.61 -4.69
CA GLY A 431 -8.69 -11.93 -4.05
C GLY A 431 -9.60 -11.87 -2.82
N TYR A 432 -9.30 -12.70 -1.82
CA TYR A 432 -10.11 -12.83 -0.61
C TYR A 432 -9.82 -11.74 0.41
N SER A 433 -8.88 -10.84 0.10
CA SER A 433 -8.45 -9.80 1.05
C SER A 433 -9.53 -8.74 1.36
N LYS A 434 -10.60 -8.66 0.55
CA LYS A 434 -11.64 -7.64 0.73
C LYS A 434 -13.00 -8.28 0.97
N ARG A 435 -13.57 -8.01 2.14
CA ARG A 435 -14.81 -8.67 2.62
C ARG A 435 -15.97 -7.68 2.47
N PHE A 436 -16.90 -8.01 1.58
CA PHE A 436 -18.11 -7.20 1.35
C PHE A 436 -19.39 -7.81 1.93
N GLY A 437 -19.32 -8.97 2.56
CA GLY A 437 -20.52 -9.65 2.99
C GLY A 437 -21.25 -8.98 4.14
N ILE A 438 -22.55 -9.28 4.23
CA ILE A 438 -23.30 -9.07 5.45
C ILE A 438 -23.25 -10.38 6.24
N VAL A 439 -22.62 -11.38 5.64
CA VAL A 439 -22.32 -12.66 6.27
C VAL A 439 -20.81 -12.92 6.09
N TYR A 440 -20.14 -13.15 7.21
CA TYR A 440 -18.72 -13.44 7.26
C TYR A 440 -18.49 -14.91 6.87
N VAL A 441 -17.46 -15.15 6.04
CA VAL A 441 -17.08 -16.51 5.71
C VAL A 441 -15.66 -16.77 6.24
N ASP A 442 -15.55 -17.74 7.14
CA ASP A 442 -14.25 -18.24 7.58
C ASP A 442 -13.81 -19.23 6.53
N TYR A 443 -12.84 -18.84 5.71
CA TYR A 443 -12.43 -19.70 4.59
C TYR A 443 -11.74 -20.98 5.03
N SER A 444 -11.19 -21.01 6.24
CA SER A 444 -10.54 -22.27 6.72
C SER A 444 -11.56 -23.39 6.96
N THR A 445 -12.78 -23.01 7.34
CA THR A 445 -13.82 -23.99 7.68
C THR A 445 -15.09 -23.88 6.83
N GLN A 446 -15.18 -22.81 6.02
CA GLN A 446 -16.40 -22.43 5.31
C GLN A 446 -17.57 -22.07 6.22
N LYS A 447 -17.29 -21.87 7.52
CA LYS A 447 -18.34 -21.41 8.42
C LYS A 447 -18.86 -20.03 8.02
N ARG A 448 -20.18 -19.86 8.01
CA ARG A 448 -20.85 -18.57 7.83
C ARG A 448 -21.23 -17.99 9.21
N ILE A 449 -20.92 -16.73 9.43
CA ILE A 449 -21.30 -16.01 10.63
C ILE A 449 -22.01 -14.73 10.21
N VAL A 450 -23.30 -14.64 10.53
CA VAL A 450 -24.06 -13.45 10.13
C VAL A 450 -23.47 -12.26 10.87
N LYS A 451 -23.09 -11.22 10.15
CA LYS A 451 -22.50 -10.01 10.75
C LYS A 451 -23.63 -9.17 11.37
N ASP A 452 -23.26 -8.23 12.23
CA ASP A 452 -24.26 -7.31 12.80
C ASP A 452 -25.03 -6.58 11.69
N SER A 453 -24.33 -6.23 10.61
CA SER A 453 -24.96 -5.59 9.44
C SER A 453 -26.05 -6.46 8.80
N GLY A 454 -25.84 -7.78 8.76
CA GLY A 454 -26.87 -8.69 8.24
C GLY A 454 -28.10 -8.73 9.15
N TYR A 455 -27.87 -8.77 10.46
CA TYR A 455 -28.99 -8.75 11.40
C TYR A 455 -29.77 -7.45 11.26
N TRP A 456 -29.03 -6.34 11.17
CA TRP A 456 -29.57 -4.98 11.01
C TRP A 456 -30.37 -4.86 9.74
N TYR A 457 -29.84 -5.44 8.66
CA TYR A 457 -30.53 -5.38 7.38
C TYR A 457 -31.83 -6.17 7.41
N SER A 458 -31.80 -7.35 8.03
CA SER A 458 -33.01 -8.18 8.15
CA SER A 458 -33.00 -8.18 8.17
C SER A 458 -34.14 -7.39 8.81
N ASN A 459 -33.79 -6.56 9.79
CA ASN A 459 -34.79 -5.74 10.47
C ASN A 459 -35.33 -4.67 9.55
N VAL A 460 -34.43 -4.02 8.80
CA VAL A 460 -34.85 -3.08 7.76
C VAL A 460 -35.84 -3.75 6.79
N VAL A 461 -35.53 -4.94 6.32
CA VAL A 461 -36.41 -5.63 5.37
C VAL A 461 -37.77 -5.93 6.01
N LYS A 462 -37.73 -6.48 7.23
CA LYS A 462 -38.97 -6.79 7.96
C LYS A 462 -39.87 -5.56 8.16
N ASN A 463 -39.26 -4.44 8.52
CA ASN A 463 -39.98 -3.17 8.71
C ASN A 463 -40.31 -2.45 7.41
N ASN A 464 -39.83 -3.00 6.28
CA ASN A 464 -39.86 -2.30 4.98
C ASN A 464 -39.30 -0.88 5.07
N GLY A 465 -38.20 -0.70 5.80
CA GLY A 465 -37.52 0.61 5.82
C GLY A 465 -36.77 0.91 7.11
N LEU A 466 -36.37 2.17 7.28
CA LEU A 466 -35.46 2.62 8.35
C LEU A 466 -36.16 3.15 9.60
N GLU A 467 -35.40 3.06 10.71
CA GLU A 467 -35.81 3.35 12.08
CA GLU A 467 -35.85 3.46 12.05
C GLU A 467 -37.17 2.79 12.44
N ASP A 468 -37.08 1.59 13.02
CA ASP A 468 -38.20 0.65 13.31
C ASP A 468 -39.63 1.11 13.11
N ASN B 24 -6.07 1.52 -3.99
CA ASN B 24 -5.49 2.27 -2.84
C ASN B 24 -4.09 1.76 -2.40
N VAL B 25 -3.56 0.79 -3.13
CA VAL B 25 -2.21 0.27 -2.93
C VAL B 25 -1.13 1.31 -3.26
N LYS B 26 0.04 1.18 -2.63
CA LYS B 26 1.15 2.08 -2.89
CA LYS B 26 1.15 2.08 -2.88
C LYS B 26 2.36 1.31 -3.39
N LYS B 27 2.59 1.40 -4.70
CA LYS B 27 3.66 0.68 -5.35
C LYS B 27 4.89 1.58 -5.47
N PHE B 28 6.07 1.01 -5.25
CA PHE B 28 7.32 1.77 -5.36
C PHE B 28 7.95 1.53 -6.72
N PRO B 29 8.82 2.47 -7.17
CA PRO B 29 9.50 2.31 -8.46
C PRO B 29 10.16 0.95 -8.56
N GLU B 30 10.36 0.46 -9.78
CA GLU B 30 11.03 -0.82 -9.95
C GLU B 30 12.53 -0.64 -9.68
N GLY B 31 13.13 -1.64 -9.05
CA GLY B 31 14.52 -1.55 -8.66
C GLY B 31 14.71 -1.01 -7.24
N PHE B 32 13.66 -0.38 -6.69
CA PHE B 32 13.67 0.13 -5.32
C PHE B 32 14.29 -0.87 -4.36
N LEU B 33 15.15 -0.37 -3.46
CA LEU B 33 15.91 -1.24 -2.59
C LEU B 33 15.30 -1.30 -1.19
N TRP B 34 14.86 -2.49 -0.79
CA TRP B 34 14.29 -2.70 0.54
C TRP B 34 15.35 -3.34 1.40
N GLY B 35 15.64 -2.70 2.54
CA GLY B 35 16.71 -3.19 3.39
C GLY B 35 16.43 -3.24 4.87
N VAL B 36 17.39 -3.78 5.60
CA VAL B 36 17.41 -3.69 7.07
C VAL B 36 18.82 -3.22 7.47
N ALA B 37 18.93 -2.62 8.65
CA ALA B 37 20.23 -2.05 9.05
C ALA B 37 20.65 -2.50 10.45
N THR B 38 21.97 -2.61 10.65
CA THR B 38 22.55 -2.88 11.98
C THR B 38 23.84 -2.05 12.10
N ALA B 39 24.48 -2.11 13.29
CA ALA B 39 25.86 -1.58 13.46
C ALA B 39 26.71 -2.56 14.27
N SER B 40 28.01 -2.60 13.98
CA SER B 40 28.98 -3.54 14.57
C SER B 40 28.90 -3.67 16.10
N TYR B 41 29.14 -2.57 16.82
CA TYR B 41 29.13 -2.64 18.29
C TYR B 41 27.77 -3.03 18.88
N GLN B 42 26.69 -2.75 18.17
CA GLN B 42 25.36 -2.98 18.70
C GLN B 42 24.97 -4.46 18.63
N ILE B 43 25.59 -5.21 17.72
CA ILE B 43 25.21 -6.62 17.53
C ILE B 43 26.28 -7.65 17.73
N GLU B 44 27.54 -7.28 17.52
CA GLU B 44 28.57 -8.30 17.40
C GLU B 44 28.95 -9.04 18.68
N GLY B 45 29.24 -8.31 19.77
CA GLY B 45 29.86 -8.92 20.94
C GLY B 45 31.28 -9.28 20.57
N SER B 46 31.99 -9.97 21.47
CA SER B 46 33.39 -10.33 21.19
C SER B 46 34.23 -9.13 20.73
N PRO B 47 34.16 -8.02 21.50
CA PRO B 47 34.85 -6.80 21.03
C PRO B 47 36.38 -6.95 20.93
N LEU B 48 36.95 -7.85 21.73
CA LEU B 48 38.41 -8.04 21.75
C LEU B 48 38.87 -9.37 21.16
N ALA B 49 37.95 -10.13 20.58
CA ALA B 49 38.35 -11.40 19.97
C ALA B 49 39.23 -11.19 18.75
N ASP B 50 40.12 -12.15 18.53
CA ASP B 50 40.89 -12.27 17.27
C ASP B 50 41.74 -11.04 16.95
N GLY B 51 42.35 -10.50 18.01
CA GLY B 51 43.34 -9.45 17.89
C GLY B 51 42.77 -8.04 17.72
N ALA B 52 41.47 -7.90 17.94
CA ALA B 52 40.82 -6.58 17.82
C ALA B 52 41.29 -5.63 18.90
N GLY B 53 41.48 -4.35 18.53
CA GLY B 53 41.78 -3.33 19.51
C GLY B 53 40.49 -2.86 20.17
N MET B 54 40.62 -2.25 21.33
CA MET B 54 39.46 -1.73 22.04
C MET B 54 38.91 -0.56 21.23
N SER B 55 37.60 -0.36 21.32
CA SER B 55 36.94 0.84 20.77
C SER B 55 36.60 1.78 21.93
N ILE B 56 36.22 3.02 21.58
CA ILE B 56 35.76 3.98 22.58
C ILE B 56 34.46 3.55 23.22
N TRP B 57 33.67 2.69 22.56
CA TRP B 57 32.44 2.21 23.15
C TRP B 57 32.70 1.10 24.19
N HIS B 58 33.73 0.30 23.97
CA HIS B 58 34.13 -0.67 24.98
C HIS B 58 34.53 0.06 26.25
N THR B 59 35.40 1.05 26.14
CA THR B 59 35.87 1.78 27.33
C THR B 59 34.77 2.63 27.97
N PHE B 60 33.95 3.30 27.13
CA PHE B 60 32.80 4.07 27.62
C PHE B 60 31.78 3.19 28.36
N SER B 61 31.40 2.05 27.77
CA SER B 61 30.40 1.22 28.43
C SER B 61 30.97 0.49 29.65
N HIS B 62 32.28 0.28 29.71
CA HIS B 62 32.93 -0.33 30.90
C HIS B 62 33.22 0.69 32.01
N THR B 63 32.82 1.94 31.78
CA THR B 63 32.92 2.99 32.79
C THR B 63 31.59 3.04 33.52
N PRO B 64 31.61 2.82 34.83
CA PRO B 64 30.32 2.84 35.50
C PRO B 64 29.60 4.17 35.41
N GLY B 65 28.28 4.10 35.25
CA GLY B 65 27.42 5.28 35.24
C GLY B 65 27.09 5.79 33.85
N ASN B 66 27.80 5.28 32.84
CA ASN B 66 27.56 5.77 31.49
C ASN B 66 26.40 5.13 30.74
N VAL B 67 26.15 3.85 31.01
CA VAL B 67 25.11 3.10 30.29
C VAL B 67 24.10 2.50 31.26
N LYS B 68 22.83 2.52 30.89
CA LYS B 68 21.76 2.01 31.74
C LYS B 68 22.09 0.58 32.17
N ASN B 69 21.85 0.28 33.45
CA ASN B 69 22.04 -1.08 33.98
C ASN B 69 23.47 -1.62 33.84
N GLY B 70 24.43 -0.74 33.55
CA GLY B 70 25.80 -1.19 33.29
C GLY B 70 25.94 -2.12 32.09
N ASP B 71 25.02 -2.02 31.13
CA ASP B 71 25.12 -2.84 29.92
C ASP B 71 26.35 -2.47 29.11
N THR B 72 26.93 -3.46 28.43
CA THR B 72 28.05 -3.25 27.53
C THR B 72 27.77 -4.01 26.24
N GLY B 73 28.62 -3.85 25.24
CA GLY B 73 28.55 -4.67 24.02
C GLY B 73 29.43 -5.92 24.07
N ASP B 74 29.73 -6.39 25.27
CA ASP B 74 30.60 -7.53 25.42
C ASP B 74 29.99 -8.75 24.69
N VAL B 75 28.67 -8.85 24.74
CA VAL B 75 28.00 -10.02 24.15
C VAL B 75 27.03 -9.58 23.10
N ALA B 76 26.13 -8.66 23.46
CA ALA B 76 25.11 -8.12 22.57
C ALA B 76 24.30 -9.30 22.01
N CYS B 77 24.27 -9.40 20.68
CA CYS B 77 23.53 -10.45 19.97
C CYS B 77 24.43 -11.60 19.54
N ASP B 78 25.70 -11.57 19.93
CA ASP B 78 26.70 -12.59 19.56
C ASP B 78 26.68 -12.82 18.05
N HIS B 79 26.47 -11.74 17.29
CA HIS B 79 26.54 -11.78 15.82
C HIS B 79 27.94 -12.16 15.32
N TYR B 80 28.96 -11.94 16.15
CA TYR B 80 30.31 -12.35 15.81
C TYR B 80 30.35 -13.86 15.56
N ASN B 81 29.53 -14.59 16.31
CA ASN B 81 29.49 -16.04 16.13
C ASN B 81 28.29 -16.50 15.30
N ARG B 82 27.20 -15.76 15.40
CA ARG B 82 25.91 -16.16 14.83
C ARG B 82 25.53 -15.43 13.56
N TRP B 83 26.53 -14.94 12.84
CA TRP B 83 26.30 -14.09 11.67
C TRP B 83 25.55 -14.83 10.54
N LYS B 84 25.89 -16.11 10.34
CA LYS B 84 25.31 -16.87 9.21
C LYS B 84 23.81 -17.03 9.40
N GLU B 85 23.40 -17.39 10.61
CA GLU B 85 21.96 -17.45 10.96
C GLU B 85 21.24 -16.13 10.68
N ASP B 86 21.87 -15.01 11.03
CA ASP B 86 21.22 -13.72 10.90
C ASP B 86 21.01 -13.32 9.44
N ILE B 87 21.97 -13.64 8.59
CA ILE B 87 21.87 -13.36 7.16
C ILE B 87 20.80 -14.28 6.55
N GLU B 88 20.73 -15.51 7.05
CA GLU B 88 19.69 -16.45 6.61
C GLU B 88 18.31 -15.91 6.91
N ILE B 89 18.15 -15.24 8.06
CA ILE B 89 16.88 -14.56 8.39
C ILE B 89 16.53 -13.47 7.39
N ILE B 90 17.53 -12.66 7.03
CA ILE B 90 17.37 -11.67 5.97
C ILE B 90 16.91 -12.40 4.72
N GLU B 91 17.61 -13.49 4.39
CA GLU B 91 17.29 -14.29 3.20
C GLU B 91 15.85 -14.83 3.27
N LYS B 92 15.50 -15.48 4.39
CA LYS B 92 14.15 -16.09 4.53
C LYS B 92 13.04 -15.05 4.56
N LEU B 93 13.40 -13.79 4.85
CA LEU B 93 12.46 -12.66 4.78
C LEU B 93 12.44 -12.00 3.41
N GLY B 94 13.39 -12.38 2.54
CA GLY B 94 13.46 -11.81 1.19
C GLY B 94 13.92 -10.35 1.11
N VAL B 95 14.40 -9.82 2.24
CA VAL B 95 14.96 -8.46 2.26
C VAL B 95 16.15 -8.41 1.30
N LYS B 96 16.24 -7.35 0.49
CA LYS B 96 17.21 -7.38 -0.60
C LYS B 96 18.50 -6.60 -0.34
N ALA B 97 18.50 -5.76 0.69
CA ALA B 97 19.72 -5.02 1.07
C ALA B 97 20.02 -5.16 2.55
N TYR B 98 21.29 -5.17 2.89
CA TYR B 98 21.69 -5.19 4.29
C TYR B 98 22.73 -4.08 4.53
N ARG B 99 22.33 -3.10 5.34
CA ARG B 99 23.21 -2.03 5.80
C ARG B 99 23.87 -2.49 7.10
N PHE B 100 25.18 -2.66 7.08
CA PHE B 100 25.90 -3.05 8.28
C PHE B 100 27.17 -2.19 8.43
N SER B 101 27.69 -2.11 9.64
CA SER B 101 28.97 -1.37 9.80
C SER B 101 30.17 -2.26 10.05
N ILE B 102 31.35 -1.75 9.70
CA ILE B 102 32.60 -2.41 9.99
C ILE B 102 33.28 -1.77 11.24
N SER B 103 33.71 -2.62 12.17
CA SER B 103 34.47 -2.18 13.35
C SER B 103 35.89 -1.78 12.96
N TRP B 104 36.14 -0.48 12.95
CA TRP B 104 37.49 0.06 12.71
C TRP B 104 38.58 -0.71 13.50
N PRO B 105 38.46 -0.84 14.84
CA PRO B 105 39.54 -1.49 15.59
C PRO B 105 39.64 -3.01 15.41
N ARG B 106 38.67 -3.63 14.74
CA ARG B 106 38.86 -5.02 14.28
C ARG B 106 39.84 -5.08 13.12
N ILE B 107 39.85 -4.04 12.30
CA ILE B 107 40.65 -3.97 11.08
C ILE B 107 42.03 -3.43 11.38
N LEU B 108 42.08 -2.35 12.16
CA LEU B 108 43.33 -1.71 12.51
C LEU B 108 43.27 -1.51 14.00
N PRO B 109 43.81 -2.48 14.77
CA PRO B 109 43.63 -2.43 16.20
C PRO B 109 44.26 -1.20 16.87
N GLU B 110 45.30 -0.62 16.23
CA GLU B 110 45.95 0.60 16.70
CA GLU B 110 45.93 0.60 16.72
C GLU B 110 45.38 1.86 16.01
N GLY B 111 44.31 1.68 15.23
CA GLY B 111 43.72 2.80 14.45
C GLY B 111 44.39 3.02 13.09
N THR B 112 45.72 2.98 13.08
CA THR B 112 46.51 3.03 11.84
C THR B 112 47.55 1.93 11.94
N GLY B 113 48.21 1.65 10.82
CA GLY B 113 49.35 0.74 10.84
C GLY B 113 48.95 -0.68 10.46
N ARG B 114 49.18 -1.60 11.39
CA ARG B 114 49.04 -3.04 11.12
C ARG B 114 47.59 -3.41 10.88
N VAL B 115 47.32 -4.05 9.74
CA VAL B 115 46.00 -4.58 9.44
C VAL B 115 45.80 -5.94 10.09
N ASN B 116 44.64 -6.16 10.71
CA ASN B 116 44.35 -7.40 11.38
C ASN B 116 43.66 -8.32 10.36
N GLN B 117 44.38 -9.36 9.94
CA GLN B 117 43.82 -10.30 8.93
C GLN B 117 42.49 -10.96 9.38
N LYS B 118 42.39 -11.33 10.64
CA LYS B 118 41.17 -11.95 11.13
C LYS B 118 39.97 -11.00 11.14
N GLY B 119 40.22 -9.70 11.20
CA GLY B 119 39.16 -8.71 11.07
C GLY B 119 38.70 -8.67 9.63
N LEU B 120 39.65 -8.71 8.70
CA LEU B 120 39.32 -8.81 7.28
C LEU B 120 38.50 -10.08 6.99
N ASP B 121 38.93 -11.21 7.57
CA ASP B 121 38.27 -12.52 7.39
C ASP B 121 36.82 -12.50 7.84
N PHE B 122 36.57 -11.92 9.00
CA PHE B 122 35.21 -11.84 9.54
C PHE B 122 34.23 -11.16 8.60
N TYR B 123 34.63 -10.01 8.06
CA TYR B 123 33.73 -9.25 7.19
C TYR B 123 33.62 -9.83 5.78
N ASN B 124 34.72 -10.39 5.27
CA ASN B 124 34.71 -11.02 3.93
C ASN B 124 33.75 -12.20 3.86
N ARG B 125 33.69 -13.00 4.91
CA ARG B 125 32.69 -14.09 4.97
C ARG B 125 31.27 -13.56 4.95
N ILE B 126 31.03 -12.44 5.64
CA ILE B 126 29.71 -11.83 5.66
C ILE B 126 29.37 -11.28 4.27
N ILE B 127 30.37 -10.63 3.66
CA ILE B 127 30.24 -10.05 2.32
C ILE B 127 29.98 -11.17 1.28
N ASP B 128 30.74 -12.25 1.35
CA ASP B 128 30.52 -13.36 0.40
C ASP B 128 29.11 -13.97 0.53
N THR B 129 28.68 -14.26 1.77
CA THR B 129 27.35 -14.83 2.04
C THR B 129 26.22 -13.96 1.50
N LEU B 130 26.25 -12.67 1.83
CA LEU B 130 25.26 -11.73 1.32
C LEU B 130 25.15 -11.82 -0.21
N LEU B 131 26.30 -11.77 -0.88
CA LEU B 131 26.39 -11.75 -2.35
C LEU B 131 25.85 -13.05 -2.97
N GLU B 132 26.18 -14.19 -2.35
CA GLU B 132 25.73 -15.47 -2.87
C GLU B 132 24.25 -15.73 -2.57
N LYS B 133 23.71 -15.05 -1.55
CA LYS B 133 22.27 -15.05 -1.32
C LYS B 133 21.53 -13.94 -2.06
N GLY B 134 22.27 -13.16 -2.85
CA GLY B 134 21.67 -12.05 -3.58
C GLY B 134 21.17 -10.87 -2.74
N ILE B 135 21.76 -10.67 -1.55
CA ILE B 135 21.43 -9.49 -0.71
C ILE B 135 22.50 -8.42 -0.98
N THR B 136 22.08 -7.19 -1.26
CA THR B 136 23.02 -6.10 -1.59
C THR B 136 23.61 -5.49 -0.29
N PRO B 137 24.93 -5.55 -0.13
CA PRO B 137 25.60 -4.92 1.04
C PRO B 137 25.74 -3.37 0.94
N PHE B 138 25.25 -2.67 1.97
CA PHE B 138 25.53 -1.26 2.19
C PHE B 138 26.43 -1.15 3.41
N VAL B 139 27.67 -0.70 3.20
CA VAL B 139 28.62 -0.70 4.31
C VAL B 139 28.83 0.70 4.88
N THR B 140 28.55 0.83 6.18
CA THR B 140 28.90 2.02 6.96
C THR B 140 30.33 1.82 7.45
N ILE B 141 31.23 2.67 6.98
CA ILE B 141 32.64 2.63 7.34
C ILE B 141 32.75 3.00 8.83
N TYR B 142 32.04 4.06 9.24
CA TYR B 142 32.12 4.52 10.64
C TYR B 142 30.77 4.62 11.32
N HIS B 143 30.49 3.69 12.23
CA HIS B 143 29.26 3.77 13.03
C HIS B 143 29.61 3.80 14.53
N TRP B 144 30.57 4.69 14.88
CA TRP B 144 30.75 5.25 16.24
C TRP B 144 31.79 4.54 17.08
N ASP B 145 32.30 3.40 16.61
CA ASP B 145 33.25 2.59 17.39
C ASP B 145 34.69 2.91 17.04
N LEU B 146 35.07 4.14 17.38
CA LEU B 146 36.43 4.65 17.09
C LEU B 146 37.41 3.75 17.82
N PRO B 147 38.57 3.43 17.19
CA PRO B 147 39.64 2.76 17.95
C PRO B 147 40.06 3.60 19.17
N PHE B 148 40.12 2.96 20.33
CA PHE B 148 40.57 3.64 21.53
C PHE B 148 41.94 4.30 21.37
N ALA B 149 42.87 3.61 20.69
CA ALA B 149 44.23 4.13 20.38
C ALA B 149 44.17 5.54 19.78
N LEU B 150 43.16 5.79 18.95
CA LEU B 150 43.02 7.10 18.29
C LEU B 150 42.37 8.14 19.21
N GLN B 151 41.51 7.70 20.12
CA GLN B 151 40.92 8.59 21.12
C GLN B 151 42.03 9.13 22.04
N LEU B 152 43.01 8.29 22.35
CA LEU B 152 44.18 8.71 23.18
C LEU B 152 44.92 9.85 22.51
N LYS B 153 44.81 9.91 21.19
CA LYS B 153 45.38 10.98 20.37
C LYS B 153 44.38 12.09 20.01
N GLY B 154 43.26 12.14 20.72
CA GLY B 154 42.26 13.22 20.58
C GLY B 154 41.06 12.84 19.74
N GLY B 155 41.17 11.71 19.03
CA GLY B 155 40.02 11.23 18.22
C GLY B 155 39.54 12.30 17.26
N TRP B 156 38.23 12.56 17.27
CA TRP B 156 37.63 13.50 16.30
C TRP B 156 38.01 14.94 16.53
N ALA B 157 38.63 15.22 17.67
CA ALA B 157 39.10 16.57 17.96
C ALA B 157 40.39 16.88 17.19
N ASN B 158 41.10 15.84 16.77
CA ASN B 158 42.42 16.01 16.16
C ASN B 158 42.33 16.11 14.65
N ARG B 159 42.86 17.18 14.07
CA ARG B 159 42.80 17.32 12.59
C ARG B 159 43.38 16.12 11.85
N GLU B 160 44.31 15.44 12.50
CA GLU B 160 44.96 14.28 11.91
CA GLU B 160 44.97 14.26 11.93
C GLU B 160 44.00 13.11 11.63
N ILE B 161 42.83 13.11 12.26
CA ILE B 161 41.85 12.05 12.00
C ILE B 161 41.46 12.01 10.53
N ALA B 162 41.55 13.13 9.81
CA ALA B 162 41.28 13.06 8.35
C ALA B 162 42.24 12.05 7.69
N ASP B 163 43.51 12.04 8.11
CA ASP B 163 44.51 11.09 7.60
CA ASP B 163 44.45 11.10 7.52
C ASP B 163 44.22 9.68 8.05
N TRP B 164 43.95 9.53 9.34
CA TRP B 164 43.69 8.20 9.91
C TRP B 164 42.47 7.57 9.22
N PHE B 165 41.46 8.40 8.99
CA PHE B 165 40.21 7.92 8.38
C PHE B 165 40.40 7.59 6.90
N ALA B 166 41.22 8.37 6.20
CA ALA B 166 41.56 8.12 4.79
C ALA B 166 42.26 6.75 4.69
N GLU B 167 43.19 6.49 5.61
CA GLU B 167 43.96 5.25 5.61
C GLU B 167 43.08 4.02 5.93
N TYR B 168 42.21 4.17 6.91
CA TYR B 168 41.28 3.13 7.25
C TYR B 168 40.35 2.85 6.05
N SER B 169 39.79 3.90 5.45
CA SER B 169 38.86 3.76 4.33
CA SER B 169 38.86 3.74 4.34
C SER B 169 39.52 3.06 3.14
N ARG B 170 40.77 3.44 2.86
CA ARG B 170 41.57 2.79 1.82
C ARG B 170 41.69 1.28 2.05
N VAL B 171 41.94 0.86 3.29
CA VAL B 171 42.07 -0.57 3.60
C VAL B 171 40.75 -1.29 3.27
N LEU B 172 39.63 -0.71 3.68
CA LEU B 172 38.29 -1.24 3.38
C LEU B 172 38.02 -1.28 1.87
N PHE B 173 38.33 -0.19 1.17
CA PHE B 173 38.12 -0.14 -0.27
C PHE B 173 38.98 -1.15 -1.01
N GLU B 174 40.25 -1.27 -0.66
CA GLU B 174 41.15 -2.19 -1.35
C GLU B 174 40.79 -3.66 -1.08
N ASN B 175 40.32 -3.93 0.13
CA ASN B 175 40.00 -5.31 0.50
C ASN B 175 38.59 -5.74 0.17
N PHE B 176 37.64 -4.80 0.21
CA PHE B 176 36.22 -5.13 0.04
C PHE B 176 35.55 -4.49 -1.16
N GLY B 177 36.25 -3.58 -1.86
CA GLY B 177 35.64 -2.76 -2.90
C GLY B 177 35.27 -3.50 -4.19
N ASP B 178 35.92 -4.64 -4.42
CA ASP B 178 35.63 -5.52 -5.55
C ASP B 178 34.23 -6.14 -5.49
N ARG B 179 33.69 -6.28 -4.28
CA ARG B 179 32.35 -6.83 -4.07
C ARG B 179 31.36 -5.84 -3.47
N VAL B 180 31.84 -4.95 -2.60
CA VAL B 180 30.95 -3.94 -2.04
C VAL B 180 31.01 -2.67 -2.90
N LYS B 181 29.85 -2.24 -3.39
CA LYS B 181 29.77 -1.10 -4.32
C LYS B 181 28.96 0.05 -3.77
N ASN B 182 28.43 -0.11 -2.56
CA ASN B 182 27.60 0.91 -1.95
C ASN B 182 28.13 1.21 -0.55
N TRP B 183 28.52 2.46 -0.33
CA TRP B 183 29.35 2.80 0.85
C TRP B 183 28.83 4.05 1.54
N ILE B 184 29.00 4.09 2.87
CA ILE B 184 28.54 5.23 3.66
C ILE B 184 29.76 5.60 4.48
N THR B 185 30.17 6.87 4.44
CA THR B 185 31.39 7.27 5.15
C THR B 185 31.07 7.27 6.66
N LEU B 186 30.08 8.08 7.03
CA LEU B 186 29.79 8.35 8.43
C LEU B 186 28.31 8.19 8.75
N ASN B 187 28.04 7.53 9.88
CA ASN B 187 26.70 7.51 10.41
C ASN B 187 26.48 8.65 11.37
N GLU B 188 25.58 9.57 11.03
CA GLU B 188 25.06 10.60 11.97
C GLU B 188 26.18 11.38 12.66
N PRO B 189 27.00 12.07 11.86
CA PRO B 189 28.10 12.86 12.44
C PRO B 189 27.61 13.90 13.45
N TRP B 190 26.38 14.40 13.30
CA TRP B 190 25.83 15.30 14.32
C TRP B 190 25.85 14.68 15.71
N VAL B 191 25.44 13.42 15.78
CA VAL B 191 25.41 12.70 17.06
C VAL B 191 26.84 12.45 17.55
N VAL B 192 27.70 11.98 16.65
CA VAL B 192 29.10 11.70 17.01
C VAL B 192 29.74 12.93 17.66
N ALA B 193 29.53 14.09 17.03
CA ALA B 193 30.12 15.34 17.49
C ALA B 193 29.39 15.83 18.75
N ILE B 194 28.10 16.07 18.65
CA ILE B 194 27.40 16.78 19.71
C ILE B 194 27.06 15.89 20.89
N VAL B 195 26.54 14.71 20.64
CA VAL B 195 26.16 13.83 21.74
C VAL B 195 27.42 13.24 22.40
N GLY B 196 28.45 12.97 21.62
CA GLY B 196 29.72 12.42 22.13
C GLY B 196 30.65 13.42 22.78
N HIS B 197 30.57 14.69 22.36
CA HIS B 197 31.56 15.70 22.77
C HIS B 197 30.99 16.97 23.40
N LEU B 198 29.67 17.18 23.30
CA LEU B 198 29.05 18.32 24.00
C LEU B 198 28.18 17.82 25.16
N TYR B 199 27.33 16.83 24.89
CA TYR B 199 26.42 16.34 25.93
C TYR B 199 27.09 15.34 26.81
N GLY B 200 28.10 14.66 26.27
CA GLY B 200 28.86 13.63 27.00
C GLY B 200 28.10 12.31 27.23
N VAL B 201 27.02 12.12 26.48
CA VAL B 201 26.07 11.00 26.68
C VAL B 201 26.52 9.76 25.90
N HIS B 202 27.26 10.01 24.81
CA HIS B 202 27.88 8.96 24.03
C HIS B 202 29.39 9.04 24.14
N ALA B 203 30.08 7.93 23.83
CA ALA B 203 31.55 7.93 23.78
C ALA B 203 32.03 9.03 22.81
N PRO B 204 33.14 9.70 23.15
CA PRO B 204 34.03 9.50 24.31
C PRO B 204 33.60 10.19 25.61
N GLY B 205 32.39 10.76 25.66
CA GLY B 205 31.80 11.21 26.91
C GLY B 205 32.32 12.54 27.41
N MET B 206 32.55 13.47 26.48
CA MET B 206 33.12 14.77 26.76
CA MET B 206 33.10 14.76 26.82
C MET B 206 32.02 15.83 26.74
N ARG B 207 32.25 16.94 27.45
CA ARG B 207 31.35 18.08 27.46
C ARG B 207 32.15 19.35 27.23
N ASP B 208 32.45 19.65 25.98
CA ASP B 208 33.20 20.85 25.62
C ASP B 208 32.74 21.30 24.24
N ILE B 209 32.17 22.50 24.16
CA ILE B 209 31.54 22.97 22.92
C ILE B 209 32.57 23.31 21.84
N TYR B 210 33.76 23.74 22.26
CA TYR B 210 34.84 24.01 21.31
C TYR B 210 35.31 22.71 20.70
N VAL B 211 35.48 21.69 21.53
CA VAL B 211 35.83 20.39 21.02
C VAL B 211 34.74 19.86 20.06
N ALA B 212 33.48 19.99 20.48
CA ALA B 212 32.36 19.43 19.70
C ALA B 212 32.32 20.03 18.28
N PHE B 213 32.54 21.34 18.16
CA PHE B 213 32.50 21.93 16.81
C PHE B 213 33.74 21.63 15.96
N ARG B 214 34.88 21.42 16.63
CA ARG B 214 36.02 20.93 15.90
C ARG B 214 35.79 19.50 15.41
N ALA B 215 35.09 18.71 16.21
CA ALA B 215 34.70 17.36 15.74
C ALA B 215 33.77 17.45 14.52
N VAL B 216 32.78 18.34 14.57
CA VAL B 216 31.89 18.57 13.38
C VAL B 216 32.76 18.82 12.13
N HIS B 217 33.73 19.71 12.30
CA HIS B 217 34.61 20.08 11.23
C HIS B 217 35.55 18.97 10.76
N ASN B 218 36.17 18.24 11.69
CA ASN B 218 37.01 17.12 11.30
C ASN B 218 36.23 15.93 10.72
N LEU B 219 34.97 15.76 11.14
CA LEU B 219 34.12 14.76 10.52
C LEU B 219 33.98 15.04 9.03
N LEU B 220 33.60 16.26 8.70
CA LEU B 220 33.49 16.67 7.27
C LEU B 220 34.82 16.47 6.54
N ARG B 221 35.90 16.91 7.14
CA ARG B 221 37.22 16.77 6.52
C ARG B 221 37.59 15.30 6.25
N ALA B 222 37.31 14.40 7.21
CA ALA B 222 37.60 12.97 7.11
C ALA B 222 36.68 12.31 6.05
N HIS B 223 35.39 12.62 6.15
CA HIS B 223 34.45 12.22 5.08
C HIS B 223 34.99 12.51 3.66
N ALA B 224 35.41 13.74 3.43
CA ALA B 224 35.79 14.16 2.10
C ALA B 224 37.05 13.44 1.64
N ARG B 225 37.98 13.21 2.57
CA ARG B 225 39.21 12.47 2.27
C ARG B 225 38.90 11.02 1.88
N ALA B 226 37.91 10.42 2.55
CA ALA B 226 37.47 9.06 2.26
C ALA B 226 36.86 8.98 0.86
N VAL B 227 36.01 9.95 0.54
CA VAL B 227 35.41 9.99 -0.80
C VAL B 227 36.49 10.13 -1.87
N LYS B 228 37.47 11.01 -1.64
CA LYS B 228 38.57 11.22 -2.57
C LYS B 228 39.34 9.90 -2.80
N VAL B 229 39.61 9.17 -1.72
CA VAL B 229 40.25 7.84 -1.81
C VAL B 229 39.36 6.83 -2.57
N PHE B 230 38.04 6.91 -2.33
CA PHE B 230 37.07 6.02 -2.94
C PHE B 230 37.12 6.12 -4.47
N ARG B 231 37.30 7.34 -4.99
CA ARG B 231 37.35 7.57 -6.43
C ARG B 231 38.59 6.90 -7.05
N GLU B 232 39.64 6.81 -6.24
CA GLU B 232 40.92 6.19 -6.63
C GLU B 232 40.92 4.67 -6.56
N THR B 233 39.99 4.08 -5.80
CA THR B 233 40.12 2.66 -5.44
C THR B 233 38.91 1.80 -5.78
N VAL B 234 37.73 2.38 -5.96
CA VAL B 234 36.58 1.54 -6.25
C VAL B 234 35.95 1.83 -7.60
N LYS B 235 35.94 0.78 -8.44
CA LYS B 235 35.33 0.82 -9.78
C LYS B 235 33.83 0.70 -9.66
N ASP B 236 33.12 1.65 -10.25
CA ASP B 236 31.68 1.61 -10.37
C ASP B 236 30.99 1.51 -9.00
N GLY B 237 31.53 2.24 -8.02
CA GLY B 237 30.91 2.28 -6.71
C GLY B 237 30.15 3.58 -6.50
N LYS B 238 29.29 3.58 -5.48
CA LYS B 238 28.57 4.73 -5.04
C LYS B 238 28.98 4.95 -3.59
N ILE B 239 29.18 6.20 -3.21
CA ILE B 239 29.49 6.59 -1.82
C ILE B 239 28.63 7.76 -1.35
N GLY B 240 28.16 7.69 -0.10
CA GLY B 240 27.34 8.74 0.47
C GLY B 240 27.61 8.88 1.97
N ILE B 241 26.71 9.54 2.67
CA ILE B 241 26.91 9.89 4.06
C ILE B 241 25.51 9.94 4.66
N VAL B 242 25.41 9.62 5.94
CA VAL B 242 24.13 9.46 6.64
C VAL B 242 23.90 10.48 7.74
N PHE B 243 22.74 11.15 7.74
CA PHE B 243 22.38 12.16 8.73
C PHE B 243 21.11 11.83 9.48
N ASN B 244 21.13 12.12 10.78
CA ASN B 244 19.93 12.09 11.57
C ASN B 244 19.13 13.34 11.25
N ASN B 245 17.81 13.23 11.36
CA ASN B 245 16.91 14.35 11.07
C ASN B 245 15.64 14.24 11.93
N GLY B 246 15.17 15.37 12.43
CA GLY B 246 13.87 15.44 13.09
C GLY B 246 12.98 16.42 12.31
N TYR B 247 11.68 16.17 12.38
CA TYR B 247 10.73 17.13 11.81
C TYR B 247 10.33 18.14 12.87
N PHE B 248 10.91 19.33 12.79
CA PHE B 248 10.65 20.42 13.74
C PHE B 248 9.48 21.32 13.34
N GLU B 249 8.52 21.51 14.24
CA GLU B 249 7.44 22.45 13.99
C GLU B 249 7.46 23.54 15.06
N PRO B 250 6.97 24.76 14.75
CA PRO B 250 6.96 25.83 15.73
C PRO B 250 5.81 25.68 16.73
N ALA B 251 6.01 26.20 17.93
CA ALA B 251 5.00 26.09 18.96
C ALA B 251 3.91 27.13 18.76
N SER B 252 4.20 28.15 17.95
CA SER B 252 3.24 29.19 17.59
C SER B 252 3.65 29.88 16.28
N GLU B 253 2.86 30.87 15.89
CA GLU B 253 3.13 31.66 14.69
C GLU B 253 3.99 32.87 14.99
N LYS B 254 4.46 32.98 16.23
CA LYS B 254 5.41 34.05 16.56
C LYS B 254 6.67 33.88 15.72
N GLU B 255 7.19 34.99 15.19
CA GLU B 255 8.37 34.95 14.32
C GLU B 255 9.55 34.23 14.98
N GLU B 256 9.73 34.46 16.29
CA GLU B 256 10.84 33.84 17.02
C GLU B 256 10.77 32.32 17.10
N ASP B 257 9.56 31.77 17.09
CA ASP B 257 9.36 30.31 17.12
C ASP B 257 9.62 29.68 15.75
N ILE B 258 9.29 30.42 14.70
CA ILE B 258 9.49 29.94 13.34
C ILE B 258 11.00 29.95 13.05
N ARG B 259 11.69 30.99 13.54
CA ARG B 259 13.15 31.12 13.41
CA ARG B 259 13.13 31.08 13.39
C ARG B 259 13.86 30.04 14.25
N ALA B 260 13.24 29.66 15.37
CA ALA B 260 13.75 28.57 16.22
C ALA B 260 13.72 27.24 15.48
N VAL B 261 12.66 27.01 14.70
CA VAL B 261 12.57 25.82 13.86
C VAL B 261 13.68 25.86 12.78
N ARG B 262 13.86 27.02 12.15
CA ARG B 262 14.89 27.21 11.15
C ARG B 262 16.28 26.87 11.75
N PHE B 263 16.54 27.35 12.96
CA PHE B 263 17.82 27.04 13.62
C PHE B 263 17.94 25.54 13.88
N MET B 264 16.85 24.90 14.34
CA MET B 264 16.91 23.49 14.67
C MET B 264 17.15 22.65 13.43
N HIS B 265 16.50 23.02 12.33
CA HIS B 265 16.72 22.33 11.06
C HIS B 265 18.18 22.50 10.59
N GLN B 266 18.67 23.73 10.58
CA GLN B 266 20.03 24.01 10.08
C GLN B 266 21.09 23.27 10.93
N PHE B 267 20.85 23.17 12.24
CA PHE B 267 21.86 22.60 13.16
C PHE B 267 21.74 21.07 13.35
N ASN B 268 20.52 20.59 13.62
CA ASN B 268 20.27 19.20 13.97
CA ASN B 268 20.30 19.18 13.95
C ASN B 268 20.10 18.30 12.76
N ASN B 269 19.68 18.88 11.63
CA ASN B 269 19.41 18.10 10.42
C ASN B 269 20.55 18.15 9.39
N TYR B 270 20.33 17.52 8.23
CA TYR B 270 21.34 17.46 7.16
C TYR B 270 22.03 18.80 6.77
N PRO B 271 21.37 19.98 6.91
CA PRO B 271 22.10 21.20 6.46
C PRO B 271 23.47 21.46 7.11
N LEU B 272 23.64 21.06 8.37
CA LEU B 272 24.94 21.29 9.06
C LEU B 272 26.08 20.76 8.20
N PHE B 273 25.88 19.61 7.58
CA PHE B 273 26.89 18.96 6.75
C PHE B 273 26.71 19.18 5.26
N LEU B 274 25.45 19.24 4.83
CA LEU B 274 25.23 19.44 3.41
C LEU B 274 25.48 20.83 2.91
N ASN B 275 25.33 21.83 3.77
CA ASN B 275 25.68 23.19 3.38
C ASN B 275 27.19 23.30 3.07
N PRO B 276 28.06 22.78 3.97
CA PRO B 276 29.48 22.66 3.60
C PRO B 276 29.73 21.87 2.30
N ILE B 277 29.17 20.66 2.21
CA ILE B 277 29.41 19.75 1.07
C ILE B 277 28.94 20.36 -0.28
N TYR B 278 27.74 20.93 -0.29
CA TYR B 278 27.18 21.51 -1.54
C TYR B 278 27.44 23.01 -1.74
N ARG B 279 27.61 23.78 -0.68
CA ARG B 279 27.76 25.24 -0.82
C ARG B 279 29.07 25.84 -0.25
N GLY B 280 29.85 25.04 0.47
CA GLY B 280 31.17 25.52 0.86
C GLY B 280 31.18 26.38 2.10
N ASP B 281 30.13 26.29 2.92
CA ASP B 281 30.10 26.91 4.26
C ASP B 281 29.02 26.27 5.14
N TYR B 282 29.09 26.50 6.46
CA TYR B 282 28.06 26.06 7.38
C TYR B 282 26.83 26.96 7.19
N PRO B 283 25.63 26.46 7.57
CA PRO B 283 24.40 27.32 7.51
C PRO B 283 24.52 28.62 8.31
N GLU B 284 23.85 29.69 7.87
CA GLU B 284 24.11 30.96 8.51
C GLU B 284 23.67 31.01 9.98
N LEU B 285 22.60 30.30 10.35
CA LEU B 285 22.19 30.33 11.77
C LEU B 285 23.11 29.45 12.64
N VAL B 286 23.74 28.47 12.02
CA VAL B 286 24.78 27.66 12.70
C VAL B 286 25.98 28.57 12.99
N LEU B 287 26.39 29.33 11.97
CA LEU B 287 27.47 30.30 12.12
C LEU B 287 27.17 31.40 13.16
N GLU B 288 25.95 31.92 13.17
CA GLU B 288 25.55 32.91 14.17
CA GLU B 288 25.57 32.91 14.18
C GLU B 288 25.73 32.36 15.60
N PHE B 289 25.35 31.12 15.79
CA PHE B 289 25.42 30.43 17.10
C PHE B 289 26.86 30.05 17.45
N ALA B 290 27.59 29.53 16.48
CA ALA B 290 28.77 28.74 16.76
C ALA B 290 30.08 29.14 16.08
N ARG B 291 30.12 30.31 15.42
CA ARG B 291 31.38 30.74 14.79
C ARG B 291 32.56 30.77 15.78
N GLU B 292 32.29 31.23 17.01
CA GLU B 292 33.32 31.31 18.05
CA GLU B 292 33.38 31.31 17.99
C GLU B 292 33.93 29.93 18.42
N TYR B 293 33.17 28.85 18.16
CA TYR B 293 33.61 27.50 18.53
C TYR B 293 34.30 26.76 17.40
N LEU B 294 34.12 27.24 16.18
CA LEU B 294 34.74 26.60 15.02
C LEU B 294 36.21 26.97 14.93
N PRO B 295 37.02 26.13 14.26
CA PRO B 295 38.43 26.52 14.16
C PRO B 295 38.58 27.83 13.40
N GLU B 296 39.67 28.51 13.78
N GLU B 296 39.56 28.68 13.71
CA GLU B 296 40.24 29.58 13.01
CA GLU B 296 39.50 30.09 13.20
C GLU B 296 40.57 29.03 11.65
C GLU B 296 39.53 30.24 11.66
N ASN B 297 40.23 29.80 10.63
N ASN B 297 40.30 29.38 11.00
CA ASN B 297 40.51 29.39 9.27
CA ASN B 297 40.43 29.41 9.55
C ASN B 297 39.77 28.11 8.85
C ASN B 297 39.74 28.23 8.89
N TYR B 298 38.64 27.79 9.50
CA TYR B 298 37.90 26.59 9.06
C TYR B 298 37.56 26.63 7.58
N LYS B 299 37.30 27.82 7.05
CA LYS B 299 36.78 27.89 5.69
C LYS B 299 37.84 27.54 4.67
N ASP B 300 39.11 27.59 5.09
CA ASP B 300 40.21 27.10 4.23
C ASP B 300 40.02 25.63 3.83
N ASP B 301 39.28 24.86 4.63
CA ASP B 301 39.10 23.45 4.35
C ASP B 301 37.88 23.18 3.48
N MET B 302 37.09 24.21 3.21
CA MET B 302 35.77 23.99 2.58
C MET B 302 35.85 23.56 1.14
N SER B 303 36.86 24.05 0.43
CA SER B 303 37.02 23.61 -0.97
C SER B 303 37.25 22.10 -1.03
N GLU B 304 38.01 21.56 -0.08
CA GLU B 304 38.25 20.11 -0.04
C GLU B 304 36.99 19.34 0.41
N ILE B 305 36.23 19.96 1.29
CA ILE B 305 35.02 19.33 1.84
C ILE B 305 33.92 19.10 0.77
N GLN B 306 33.94 19.93 -0.27
CA GLN B 306 32.97 19.83 -1.38
C GLN B 306 33.19 18.69 -2.37
N GLU B 307 34.09 17.76 -2.04
CA GLU B 307 34.27 16.53 -2.81
C GLU B 307 32.89 15.91 -3.15
N LYS B 308 32.63 15.68 -4.44
CA LYS B 308 31.30 15.21 -4.88
C LYS B 308 30.88 13.86 -4.30
N ILE B 309 29.65 13.80 -3.77
CA ILE B 309 29.09 12.55 -3.24
C ILE B 309 28.00 12.01 -4.19
N ASP B 310 27.66 10.73 -4.06
CA ASP B 310 26.71 10.12 -5.00
C ASP B 310 25.30 10.08 -4.44
N PHE B 311 25.19 9.97 -3.12
CA PHE B 311 23.86 9.88 -2.50
C PHE B 311 23.91 10.47 -1.11
N VAL B 312 22.74 10.88 -0.63
CA VAL B 312 22.52 11.35 0.74
C VAL B 312 21.65 10.33 1.47
N GLY B 313 22.16 9.74 2.55
CA GLY B 313 21.36 8.90 3.41
C GLY B 313 20.67 9.73 4.49
N LEU B 314 19.35 9.59 4.60
CA LEU B 314 18.59 10.22 5.69
C LEU B 314 18.01 9.18 6.67
N ASN B 315 18.32 9.37 7.95
CA ASN B 315 17.62 8.67 9.03
C ASN B 315 16.48 9.55 9.49
N TYR B 316 15.36 8.94 9.86
CA TYR B 316 14.22 9.69 10.37
C TYR B 316 13.38 8.83 11.31
N TYR B 317 12.98 9.46 12.42
CA TYR B 317 12.28 8.81 13.51
C TYR B 317 11.14 9.64 14.10
N SER B 318 11.35 10.92 14.35
CA SER B 318 10.37 11.61 15.16
C SER B 318 10.24 13.08 14.87
N GLY B 319 9.20 13.68 15.46
CA GLY B 319 8.91 15.08 15.32
C GLY B 319 8.98 15.77 16.67
N HIS B 320 9.21 17.08 16.64
CA HIS B 320 9.46 17.85 17.83
C HIS B 320 8.82 19.20 17.66
N LEU B 321 8.04 19.61 18.66
CA LEU B 321 7.51 20.95 18.69
C LEU B 321 8.55 21.79 19.43
N VAL B 322 8.91 22.94 18.86
CA VAL B 322 9.93 23.79 19.47
CA VAL B 322 9.95 23.79 19.43
C VAL B 322 9.49 25.25 19.52
N LYS B 323 10.10 25.99 20.46
CA LYS B 323 9.87 27.44 20.65
C LYS B 323 11.17 28.15 21.02
N PHE B 324 11.22 29.44 20.72
CA PHE B 324 12.27 30.35 21.19
C PHE B 324 12.23 30.45 22.71
N ASP B 325 13.42 30.55 23.32
CA ASP B 325 13.56 30.58 24.78
C ASP B 325 14.90 31.20 25.13
N PRO B 326 14.88 32.42 25.68
CA PRO B 326 16.07 33.21 25.99
C PRO B 326 16.99 32.53 27.01
N ASP B 327 16.45 31.57 27.75
CA ASP B 327 17.21 30.90 28.81
C ASP B 327 17.88 29.64 28.29
N ALA B 328 17.25 28.99 27.30
CA ALA B 328 17.79 27.77 26.69
C ALA B 328 18.66 28.08 25.48
N LYS B 331 19.10 29.09 22.29
CA LYS B 331 17.89 29.87 22.55
C LYS B 331 16.62 29.14 22.09
N VAL B 332 16.61 27.82 22.27
CA VAL B 332 15.56 26.97 21.76
C VAL B 332 15.16 25.90 22.78
N SER B 333 13.85 25.75 22.99
CA SER B 333 13.30 24.71 23.87
C SER B 333 12.33 23.78 23.15
N PHE B 334 12.38 22.51 23.50
CA PHE B 334 11.41 21.53 23.06
C PHE B 334 10.17 21.67 23.94
N VAL B 335 9.02 21.33 23.40
CA VAL B 335 7.78 21.29 24.18
C VAL B 335 6.98 20.04 23.84
N GLU B 336 6.60 19.32 24.89
CA GLU B 336 6.00 18.01 24.74
C GLU B 336 4.61 18.18 24.13
N ARG B 337 4.16 17.15 23.42
CA ARG B 337 2.85 17.14 22.79
C ARG B 337 2.13 15.85 23.16
N ASP B 338 0.84 15.80 22.84
CA ASP B 338 0.05 14.59 22.99
C ASP B 338 0.71 13.52 22.14
N LEU B 339 0.13 13.25 20.98
CA LEU B 339 0.70 12.30 20.03
C LEU B 339 1.18 11.00 20.66
N PRO B 340 0.95 9.87 19.97
CA PRO B 340 1.48 8.59 20.43
C PRO B 340 3.00 8.54 20.34
N LYS B 341 3.62 7.98 21.38
CA LYS B 341 5.08 7.93 21.52
C LYS B 341 5.59 6.48 21.54
N THR B 342 6.88 6.32 21.29
CA THR B 342 7.50 5.00 21.31
C THR B 342 8.05 4.79 22.71
N ALA B 343 8.60 3.60 22.97
CA ALA B 343 9.33 3.31 24.21
C ALA B 343 10.45 4.33 24.52
N MET B 344 11.01 4.98 23.49
CA MET B 344 11.99 6.07 23.67
C MET B 344 11.32 7.39 24.04
N GLY B 345 10.01 7.46 23.91
CA GLY B 345 9.32 8.71 24.22
C GLY B 345 9.24 9.65 23.03
N TRP B 346 9.61 9.14 21.85
CA TRP B 346 9.63 9.94 20.64
C TRP B 346 8.26 9.96 19.96
N GLU B 347 7.76 11.17 19.75
CA GLU B 347 6.49 11.44 19.07
C GLU B 347 6.49 10.96 17.63
N ILE B 348 5.49 10.14 17.31
CA ILE B 348 5.30 9.55 16.00
C ILE B 348 4.56 10.56 15.13
N VAL B 349 5.29 11.10 14.16
CA VAL B 349 4.80 12.15 13.27
C VAL B 349 5.23 11.76 11.85
N PRO B 350 4.55 10.75 11.26
CA PRO B 350 4.96 10.16 9.98
C PRO B 350 5.12 11.16 8.84
N GLU B 351 4.41 12.28 8.91
CA GLU B 351 4.49 13.29 7.84
C GLU B 351 5.88 13.94 7.82
N GLY B 352 6.64 13.78 8.91
CA GLY B 352 8.02 14.28 8.96
C GLY B 352 8.98 13.65 7.98
N ILE B 353 8.74 12.39 7.62
CA ILE B 353 9.59 11.72 6.64
C ILE B 353 9.32 12.24 5.24
N TYR B 354 8.09 12.67 4.99
CA TYR B 354 7.77 13.32 3.73
C TYR B 354 8.44 14.70 3.69
N TRP B 355 8.30 15.45 4.78
CA TRP B 355 8.81 16.80 4.86
C TRP B 355 10.33 16.83 4.64
N ILE B 356 11.05 15.88 5.24
CA ILE B 356 12.51 15.90 5.22
C ILE B 356 13.01 15.56 3.82
N LEU B 357 12.25 14.71 3.13
CA LEU B 357 12.59 14.24 1.80
C LEU B 357 12.36 15.34 0.79
N LYS B 358 11.25 16.05 0.96
CA LYS B 358 10.93 17.19 0.11
C LYS B 358 11.93 18.29 0.35
N LYS B 359 12.20 18.61 1.62
CA LYS B 359 13.17 19.66 1.95
C LYS B 359 14.59 19.42 1.41
N VAL B 360 15.10 18.19 1.51
CA VAL B 360 16.46 17.92 1.01
C VAL B 360 16.57 18.11 -0.49
N LYS B 361 15.50 17.76 -1.21
CA LYS B 361 15.46 17.99 -2.65
C LYS B 361 15.40 19.51 -2.93
N GLU B 362 14.60 20.25 -2.17
CA GLU B 362 14.53 21.70 -2.37
C GLU B 362 15.80 22.46 -2.06
N GLU B 363 16.48 22.07 -0.98
CA GLU B 363 17.66 22.84 -0.55
C GLU B 363 18.95 22.43 -1.29
N TYR B 364 19.13 21.13 -1.51
CA TYR B 364 20.43 20.65 -2.01
C TYR B 364 20.32 19.82 -3.30
N ASN B 365 19.12 19.33 -3.57
CA ASN B 365 18.89 18.56 -4.80
C ASN B 365 19.93 17.46 -5.02
N PRO B 366 20.11 16.55 -4.03
CA PRO B 366 21.05 15.44 -4.23
C PRO B 366 20.57 14.51 -5.37
N PRO B 367 21.51 13.87 -6.08
CA PRO B 367 21.08 13.01 -7.19
C PRO B 367 20.29 11.76 -6.76
N GLU B 368 20.66 11.18 -5.63
CA GLU B 368 19.96 10.03 -5.06
C GLU B 368 19.80 10.25 -3.55
N VAL B 369 18.70 9.74 -3.00
CA VAL B 369 18.45 9.74 -1.55
C VAL B 369 18.07 8.32 -1.13
N TYR B 370 18.49 7.92 0.07
CA TYR B 370 18.03 6.70 0.72
C TYR B 370 17.54 7.03 2.10
N ILE B 371 16.48 6.34 2.55
CA ILE B 371 16.15 6.31 3.97
C ILE B 371 17.03 5.22 4.56
N THR B 372 18.08 5.65 5.27
CA THR B 372 19.09 4.71 5.75
C THR B 372 18.72 4.11 7.10
N GLU B 373 17.75 4.73 7.78
CA GLU B 373 17.11 4.20 9.00
C GLU B 373 15.72 4.76 9.22
N ASN B 374 14.80 3.88 9.61
CA ASN B 374 13.53 4.32 10.13
C ASN B 374 13.00 3.13 10.92
N GLY B 375 12.39 3.40 12.06
CA GLY B 375 12.05 2.31 12.98
C GLY B 375 11.49 2.81 14.28
N ALA B 376 11.18 1.87 15.18
CA ALA B 376 10.71 2.23 16.50
C ALA B 376 11.00 1.18 17.57
N ALA B 377 11.05 1.66 18.80
CA ALA B 377 11.22 0.82 19.97
C ALA B 377 9.86 0.72 20.66
N PHE B 378 9.45 -0.51 20.97
CA PHE B 378 8.28 -0.71 21.80
C PHE B 378 8.60 -1.81 22.80
N ASP B 379 7.83 -1.86 23.89
CA ASP B 379 8.00 -2.92 24.88
C ASP B 379 7.47 -4.22 24.26
N ASP B 380 8.37 -4.98 23.65
CA ASP B 380 8.00 -6.22 22.96
C ASP B 380 7.97 -7.38 23.94
N VAL B 381 7.02 -8.28 23.71
CA VAL B 381 6.81 -9.43 24.59
C VAL B 381 6.58 -10.68 23.75
N VAL B 382 7.12 -11.81 24.19
CA VAL B 382 6.89 -13.08 23.50
C VAL B 382 5.56 -13.63 24.03
N SER B 383 4.64 -13.96 23.12
CA SER B 383 3.30 -14.39 23.51
C SER B 383 3.36 -15.87 23.82
N GLU B 384 2.32 -16.39 24.50
CA GLU B 384 2.23 -17.83 24.78
C GLU B 384 2.53 -18.66 23.54
N ASP B 385 2.06 -18.16 22.40
CA ASP B 385 2.28 -18.78 21.10
C ASP B 385 3.72 -18.71 20.59
N GLY B 386 4.64 -18.18 21.41
CA GLY B 386 6.05 -18.04 21.02
C GLY B 386 6.28 -16.97 19.96
N ARG B 387 5.33 -16.05 19.84
CA ARG B 387 5.39 -14.96 18.86
CA ARG B 387 5.40 -14.96 18.86
C ARG B 387 5.45 -13.59 19.53
N VAL B 388 5.87 -12.59 18.75
CA VAL B 388 5.86 -11.21 19.22
C VAL B 388 4.88 -10.46 18.32
N HIS B 389 3.71 -10.14 18.87
CA HIS B 389 2.65 -9.44 18.12
C HIS B 389 2.78 -7.93 18.20
N ASP B 390 3.78 -7.40 17.49
CA ASP B 390 4.06 -5.97 17.47
C ASP B 390 3.31 -5.23 16.36
N GLN B 391 1.99 -5.11 16.56
CA GLN B 391 1.15 -4.30 15.67
C GLN B 391 1.55 -2.83 15.78
N ASN B 392 2.09 -2.44 16.92
CA ASN B 392 2.49 -1.03 17.14
C ASN B 392 3.62 -0.60 16.22
N ARG B 393 4.59 -1.49 16.02
CA ARG B 393 5.69 -1.28 15.10
C ARG B 393 5.21 -1.33 13.65
N ILE B 394 4.39 -2.33 13.34
CA ILE B 394 3.80 -2.46 11.99
C ILE B 394 3.15 -1.15 11.61
N ASP B 395 2.34 -0.60 12.51
CA ASP B 395 1.62 0.64 12.28
C ASP B 395 2.58 1.83 12.10
N TYR B 396 3.64 1.83 12.90
CA TYR B 396 4.64 2.89 12.79
C TYR B 396 5.29 2.85 11.39
N LEU B 397 5.84 1.70 11.03
CA LEU B 397 6.51 1.54 9.75
C LEU B 397 5.60 1.82 8.58
N LYS B 398 4.35 1.35 8.69
CA LYS B 398 3.37 1.45 7.62
C LYS B 398 3.14 2.90 7.21
N ALA B 399 2.92 3.76 8.21
CA ALA B 399 2.65 5.17 7.96
C ALA B 399 3.85 5.89 7.34
N HIS B 400 5.05 5.52 7.79
CA HIS B 400 6.25 6.18 7.30
C HIS B 400 6.59 5.81 5.85
N ILE B 401 6.59 4.50 5.55
CA ILE B 401 6.76 3.96 4.21
C ILE B 401 5.71 4.58 3.26
N GLY B 402 4.53 4.88 3.81
CA GLY B 402 3.45 5.52 3.05
C GLY B 402 3.78 6.94 2.70
N GLN B 403 4.31 7.69 3.68
CA GLN B 403 4.69 9.08 3.53
C GLN B 403 5.89 9.26 2.60
N ALA B 404 6.83 8.31 2.64
CA ALA B 404 7.95 8.23 1.70
C ALA B 404 7.49 7.92 0.29
N TRP B 405 6.45 7.11 0.16
CA TRP B 405 5.84 6.88 -1.15
C TRP B 405 5.36 8.20 -1.75
N LYS B 406 4.64 8.99 -0.97
CA LYS B 406 4.14 10.28 -1.37
C LYS B 406 5.27 11.19 -1.85
N ALA B 407 6.40 11.13 -1.16
CA ALA B 407 7.55 11.96 -1.51
C ALA B 407 8.07 11.64 -2.91
N ILE B 408 8.23 10.37 -3.22
CA ILE B 408 8.59 9.94 -4.57
C ILE B 408 7.59 10.49 -5.61
N GLN B 409 6.30 10.47 -5.27
CA GLN B 409 5.25 10.93 -6.20
C GLN B 409 5.46 12.40 -6.55
N GLU B 410 6.15 13.12 -5.68
CA GLU B 410 6.46 14.51 -5.96
C GLU B 410 7.91 14.68 -6.45
N GLY B 411 8.50 13.58 -6.92
CA GLY B 411 9.79 13.60 -7.64
C GLY B 411 11.08 13.65 -6.81
N VAL B 412 10.99 13.31 -5.54
CA VAL B 412 12.19 13.08 -4.72
C VAL B 412 12.85 11.80 -5.23
N PRO B 413 14.15 11.86 -5.59
CA PRO B 413 14.85 10.67 -6.07
C PRO B 413 15.18 9.65 -4.97
N LEU B 414 14.16 9.19 -4.26
CA LEU B 414 14.35 8.17 -3.21
C LEU B 414 14.59 6.76 -3.79
N LYS B 415 15.75 6.20 -3.50
CA LYS B 415 16.19 4.96 -4.10
C LYS B 415 16.02 3.68 -3.26
N GLY B 416 15.81 3.83 -1.96
CA GLY B 416 15.78 2.67 -1.05
C GLY B 416 15.35 3.02 0.35
N TYR B 417 15.05 2.00 1.15
CA TYR B 417 14.53 2.18 2.51
C TYR B 417 15.01 1.05 3.45
N PHE B 418 15.63 1.45 4.56
CA PHE B 418 16.20 0.49 5.50
C PHE B 418 15.51 0.62 6.84
N VAL B 419 15.02 -0.50 7.34
CA VAL B 419 14.43 -0.51 8.66
C VAL B 419 15.57 -0.59 9.69
N TRP B 420 15.54 0.30 10.67
CA TRP B 420 16.33 0.08 11.87
C TRP B 420 15.40 -0.56 12.90
N SER B 421 15.69 -1.80 13.31
CA SER B 421 16.84 -2.62 12.91
C SER B 421 16.46 -4.08 12.55
N LEU B 422 17.36 -4.83 11.93
CA LEU B 422 17.18 -6.30 11.83
C LEU B 422 16.92 -6.94 13.19
N LEU B 423 17.76 -6.60 14.17
CA LEU B 423 17.73 -7.26 15.47
C LEU B 423 17.56 -6.26 16.58
N ASP B 424 16.86 -6.66 17.63
CA ASP B 424 16.99 -6.00 18.94
C ASP B 424 18.47 -5.98 19.30
N ASN B 425 18.94 -4.90 19.92
CA ASN B 425 20.38 -4.80 20.11
C ASN B 425 20.79 -3.83 21.19
N PHE B 426 22.10 -3.58 21.26
CA PHE B 426 22.64 -2.66 22.27
C PHE B 426 22.34 -1.22 21.87
N GLU B 427 21.33 -0.64 22.50
CA GLU B 427 20.88 0.70 22.17
C GLU B 427 21.70 1.77 22.95
N TRP B 428 23.02 1.71 22.78
CA TRP B 428 23.93 2.77 23.28
C TRP B 428 23.71 3.05 24.77
N ALA B 429 23.53 4.31 25.17
CA ALA B 429 23.33 4.63 26.62
C ALA B 429 22.10 3.98 27.26
N GLU B 430 21.18 3.52 26.43
CA GLU B 430 19.97 2.82 26.93
C GLU B 430 20.23 1.33 27.19
N GLY B 431 21.40 0.87 26.75
CA GLY B 431 21.71 -0.56 26.79
C GLY B 431 20.69 -1.41 26.03
N TYR B 432 20.40 -2.58 26.60
CA TYR B 432 19.52 -3.60 25.97
C TYR B 432 18.06 -3.36 26.29
N SER B 433 17.79 -2.28 27.01
CA SER B 433 16.44 -1.92 27.44
C SER B 433 15.50 -1.44 26.33
N LYS B 434 16.05 -1.13 25.16
CA LYS B 434 15.25 -0.61 24.05
C LYS B 434 15.38 -1.47 22.81
N ARG B 435 14.23 -1.95 22.35
CA ARG B 435 14.19 -2.98 21.32
C ARG B 435 13.65 -2.40 20.00
N PHE B 436 14.52 -2.31 18.99
CA PHE B 436 14.21 -1.69 17.69
C PHE B 436 14.06 -2.75 16.60
N GLY B 437 14.25 -4.02 16.95
CA GLY B 437 14.34 -5.08 15.95
C GLY B 437 13.00 -5.37 15.27
N ILE B 438 13.06 -5.94 14.07
CA ILE B 438 11.90 -6.62 13.48
C ILE B 438 12.07 -8.12 13.76
N VAL B 439 13.22 -8.46 14.36
CA VAL B 439 13.54 -9.76 14.93
C VAL B 439 13.86 -9.57 16.42
N TYR B 440 13.14 -10.29 17.28
CA TYR B 440 13.36 -10.29 18.74
C TYR B 440 14.58 -11.14 19.10
N VAL B 441 15.34 -10.68 20.09
CA VAL B 441 16.50 -11.41 20.60
C VAL B 441 16.31 -11.63 22.11
N ASP B 442 16.19 -12.90 22.46
CA ASP B 442 16.16 -13.33 23.83
C ASP B 442 17.63 -13.46 24.21
N TYR B 443 18.10 -12.53 25.04
CA TYR B 443 19.53 -12.44 25.40
C TYR B 443 20.01 -13.57 26.30
N SER B 444 19.10 -14.18 27.07
CA SER B 444 19.47 -15.36 27.87
C SER B 444 19.89 -16.58 27.01
N THR B 445 19.24 -16.81 25.87
CA THR B 445 19.62 -17.93 24.99
C THR B 445 20.20 -17.56 23.64
N GLN B 446 20.09 -16.28 23.28
CA GLN B 446 20.46 -15.78 21.94
C GLN B 446 19.52 -16.27 20.84
N LYS B 447 18.34 -16.72 21.25
CA LYS B 447 17.29 -17.15 20.31
C LYS B 447 16.73 -15.95 19.53
N ARG B 448 16.65 -16.11 18.21
CA ARG B 448 15.95 -15.17 17.36
C ARG B 448 14.50 -15.59 17.23
N ILE B 449 13.59 -14.64 17.43
CA ILE B 449 12.16 -14.83 17.18
C ILE B 449 11.72 -13.71 16.24
N VAL B 450 11.51 -14.04 14.95
CA VAL B 450 10.95 -13.06 14.03
C VAL B 450 9.66 -12.47 14.61
N LYS B 451 9.55 -11.14 14.57
CA LYS B 451 8.37 -10.45 15.08
C LYS B 451 7.36 -10.35 13.94
N ASP B 452 6.11 -10.02 14.27
CA ASP B 452 5.09 -9.84 13.22
C ASP B 452 5.52 -8.78 12.19
N SER B 453 6.12 -7.68 12.67
CA SER B 453 6.76 -6.68 11.79
C SER B 453 7.72 -7.33 10.79
N GLY B 454 8.48 -8.34 11.23
CA GLY B 454 9.37 -9.07 10.33
C GLY B 454 8.58 -9.64 9.15
N TYR B 455 7.47 -10.30 9.48
CA TYR B 455 6.62 -10.94 8.48
C TYR B 455 5.91 -9.93 7.60
N TRP B 456 5.39 -8.88 8.22
CA TRP B 456 4.72 -7.79 7.52
C TRP B 456 5.62 -7.06 6.51
N TYR B 457 6.85 -6.76 6.93
CA TYR B 457 7.79 -6.05 6.06
C TYR B 457 8.28 -6.98 4.94
N SER B 458 8.39 -8.27 5.27
CA SER B 458 8.71 -9.32 4.32
C SER B 458 7.72 -9.28 3.17
N ASN B 459 6.44 -9.13 3.53
CA ASN B 459 5.37 -8.85 2.57
C ASN B 459 5.61 -7.62 1.72
N VAL B 460 5.94 -6.49 2.38
CA VAL B 460 6.15 -5.19 1.73
C VAL B 460 7.17 -5.32 0.63
N VAL B 461 8.30 -5.94 0.96
CA VAL B 461 9.39 -6.19 0.01
C VAL B 461 8.87 -6.98 -1.17
N LYS B 462 8.24 -8.12 -0.86
CA LYS B 462 7.64 -9.03 -1.84
C LYS B 462 6.74 -8.29 -2.82
N ASN B 463 5.86 -7.44 -2.29
CA ASN B 463 4.94 -6.62 -3.08
C ASN B 463 5.53 -5.34 -3.64
N ASN B 464 6.76 -5.00 -3.25
CA ASN B 464 7.36 -3.70 -3.59
C ASN B 464 6.44 -2.55 -3.17
N GLY B 465 5.82 -2.67 -2.00
CA GLY B 465 4.87 -1.65 -1.56
C GLY B 465 3.87 -2.10 -0.52
N LEU B 466 2.88 -1.25 -0.28
CA LEU B 466 1.98 -1.40 0.86
C LEU B 466 0.62 -2.01 0.49
C1 CTS C . -18.77 -4.72 -8.83
C2 CTS C . -19.04 -6.16 -9.24
C3 CTS C . -18.87 -7.21 -8.15
C4 CTS C . -17.76 -6.76 -7.20
C5 CTS C . -18.29 -5.56 -6.41
C6 CTS C . -17.23 -4.80 -5.64
O2 CTS C . -20.37 -6.23 -9.73
O3 CTS C . -18.62 -8.45 -8.80
O4 CTS C . -17.47 -7.79 -6.26
O6 CTS C . -16.05 -4.55 -6.41
N CTS C . -18.63 -4.51 -7.39
C7 CTS C . -17.88 -3.43 -5.49
C8 CTS C . -18.49 -3.15 -6.85
C ACT D . -10.80 -20.23 0.10
O ACT D . -11.85 -19.76 -0.27
OXT ACT D . -10.88 -21.47 0.29
CH3 ACT D . -9.57 -19.40 0.31
C ACT E . -23.72 -14.84 15.70
O ACT E . -23.77 -14.30 14.56
OXT ACT E . -22.57 -15.10 16.12
CH3 ACT E . -24.93 -15.18 16.49
C1 CTS F . 20.80 6.08 15.35
C2 CTS F . 22.01 5.16 15.20
C3 CTS F . 21.74 3.73 15.64
C4 CTS F . 20.72 3.72 16.78
C5 CTS F . 19.35 4.11 16.21
C6 CTS F . 18.28 4.48 17.24
O2 CTS F . 22.38 5.20 13.82
O3 CTS F . 22.91 2.98 15.97
O4 CTS F . 20.69 2.43 17.41
O6 CTS F . 18.78 5.25 18.34
N CTS F . 19.50 5.45 15.64
C7 CTS F . 17.35 5.43 16.51
C8 CTS F . 18.25 6.16 15.53
CA CA G . 42.00 24.45 1.06
#